data_1EFX
#
_entry.id   1EFX
#
_cell.length_a   68.540
_cell.length_b   90.330
_cell.length_c   207.270
_cell.angle_alpha   90.00
_cell.angle_beta   90.00
_cell.angle_gamma   90.00
#
_symmetry.space_group_name_H-M   'P 21 21 21'
#
loop_
_entity.id
_entity.type
_entity.pdbx_description
1 polymer 'HLA-CW3 (HEAVY CHAIN)'
2 polymer BETA-2-MICROGLOBULIN
3 polymer 'PEPTIDE FROM IMPORTIN ALPHA-2'
4 polymer 'NATURAL KILLER CELL RECEPTOR KIR2DL2'
5 water water
#
loop_
_entity_poly.entity_id
_entity_poly.type
_entity_poly.pdbx_seq_one_letter_code
_entity_poly.pdbx_strand_id
1 'polypeptide(L)'
;GSHSMRYFYTAVSRPGRGEPHFIAVGYVDDTQFVRFDSDAASPRGEPRAPWVEQEGPEYWDRETQKYKRQAQTDRVSLRN
LRGYYNQSEAGSHIIQRMYGCDVGPDGRLLRGYDQYAYDGKDYIALNEDLRSWTAADTAAQITQRKWEAAREAEQLRAYL
EGLCVEWLRRYLKNGKETLQRAEHPKTHVTHHPVSDHEATLRCWALGFYPAEITLTWQWDGEDQTQDTELVETRPAGDGT
FQKWAAVVVPSGEEQRYTCHVQHEGLPEPLTLRWEPSS
;
A
2 'polypeptide(L)'
;MIQRTPKIQVYSRHPAENGKSNFLNCYVSGFHPSDIEVDLLKNGERIEKVEHSDLSFSKDWSFYLLYYTEFTPTEKDEYA
CRVNHVTLSQPKIVKWDRDM
;
B
3 'polypeptide(L)' GAVDPLLAL C
4 'polypeptide(L)'
;HEGVHRKPSLLAHPGRLVKSEETVILQCWSDVRFEHFLLHREGKFKDTLHLIGEHHDGVSKANFSIGPMMQDLAGTYRCY
GSVTHSPYQLSAPSDPLDIVITGLYEKPSLSAQPGPTVLAGESVTLSCSSRSSYDMYHLSREGEAHECRFSAGPKVNGTF
QADFPLGPATHGGTYRCFGSFRDSPYEWSNSSDPLLVSVI
;
D,E
#
# COMPACT_ATOMS: atom_id res chain seq x y z
N GLY A 1 -10.41 33.72 6.33
CA GLY A 1 -9.13 33.68 7.09
C GLY A 1 -8.34 32.41 6.85
N SER A 2 -8.88 31.28 7.31
CA SER A 2 -8.23 29.98 7.15
C SER A 2 -8.83 29.26 5.95
N HIS A 3 -8.02 28.46 5.26
CA HIS A 3 -8.49 27.73 4.09
C HIS A 3 -8.36 26.24 4.28
N SER A 4 -8.93 25.47 3.37
CA SER A 4 -8.86 24.02 3.44
C SER A 4 -9.05 23.38 2.08
N MET A 5 -8.56 22.15 1.93
CA MET A 5 -8.68 21.40 0.69
C MET A 5 -9.47 20.13 0.96
N ARG A 6 -10.63 20.01 0.31
CA ARG A 6 -11.49 18.86 0.49
C ARG A 6 -11.79 18.08 -0.77
N TYR A 7 -11.67 16.75 -0.64
CA TYR A 7 -11.93 15.82 -1.72
C TYR A 7 -13.23 15.07 -1.41
N PHE A 8 -14.01 14.81 -2.46
CA PHE A 8 -15.30 14.07 -2.36
C PHE A 8 -15.40 12.94 -3.38
N TYR A 9 -15.28 11.70 -2.91
CA TYR A 9 -15.37 10.55 -3.80
C TYR A 9 -16.72 9.89 -3.69
N THR A 10 -17.22 9.40 -4.81
CA THR A 10 -18.48 8.71 -4.83
C THR A 10 -18.31 7.48 -5.70
N ALA A 11 -18.51 6.30 -5.12
CA ALA A 11 -18.38 5.04 -5.84
C ALA A 11 -19.73 4.35 -5.86
N VAL A 12 -20.41 4.42 -6.98
CA VAL A 12 -21.74 3.82 -7.13
C VAL A 12 -21.75 2.56 -7.98
N SER A 13 -22.34 1.49 -7.47
CA SER A 13 -22.38 0.25 -8.24
C SER A 13 -23.71 0.07 -8.97
N ARG A 14 -23.68 -0.74 -10.02
CA ARG A 14 -24.86 -1.00 -10.84
C ARG A 14 -24.90 -2.44 -11.35
N PRO A 15 -25.20 -3.38 -10.45
CA PRO A 15 -25.30 -4.82 -10.66
C PRO A 15 -25.49 -5.32 -12.09
N GLY A 16 -26.39 -4.68 -12.83
CA GLY A 16 -26.61 -5.14 -14.18
C GLY A 16 -26.00 -4.25 -15.24
N ARG A 17 -26.40 -2.99 -15.22
CA ARG A 17 -25.96 -1.98 -16.19
C ARG A 17 -24.44 -1.80 -16.35
N GLY A 18 -23.64 -2.71 -15.80
CA GLY A 18 -22.21 -2.58 -15.98
C GLY A 18 -21.36 -2.74 -14.75
N GLU A 19 -20.49 -1.76 -14.53
CA GLU A 19 -19.58 -1.74 -13.37
C GLU A 19 -19.62 -0.44 -12.58
N PRO A 20 -19.04 -0.46 -11.36
CA PRO A 20 -19.01 0.71 -10.49
C PRO A 20 -18.69 2.01 -11.18
N HIS A 21 -19.58 2.98 -10.98
CA HIS A 21 -19.43 4.32 -11.52
C HIS A 21 -18.69 5.14 -10.46
N PHE A 22 -17.44 5.50 -10.72
CA PHE A 22 -16.64 6.25 -9.76
C PHE A 22 -16.53 7.70 -10.16
N ILE A 23 -16.74 8.59 -9.22
CA ILE A 23 -16.64 10.02 -9.45
C ILE A 23 -15.91 10.67 -8.30
N ALA A 24 -15.08 11.65 -8.61
CA ALA A 24 -14.34 12.33 -7.57
C ALA A 24 -14.20 13.78 -7.94
N VAL A 25 -14.30 14.64 -6.93
CA VAL A 25 -14.18 16.09 -7.11
C VAL A 25 -13.32 16.63 -5.96
N GLY A 26 -12.58 17.70 -6.24
CA GLY A 26 -11.71 18.28 -5.23
C GLY A 26 -11.94 19.76 -5.14
N TYR A 27 -12.04 20.27 -3.91
CA TYR A 27 -12.25 21.70 -3.69
C TYR A 27 -11.20 22.28 -2.77
N VAL A 28 -11.04 23.60 -2.91
CA VAL A 28 -10.15 24.37 -2.04
C VAL A 28 -11.12 25.43 -1.61
N ASP A 29 -11.76 25.20 -0.47
CA ASP A 29 -12.75 26.13 0.01
C ASP A 29 -13.92 25.98 -0.95
N ASP A 30 -14.67 27.03 -1.18
CA ASP A 30 -15.82 26.93 -2.06
C ASP A 30 -15.47 26.88 -3.55
N THR A 31 -14.21 26.61 -3.88
CA THR A 31 -13.82 26.52 -5.29
C THR A 31 -13.42 25.09 -5.64
N GLN A 32 -13.90 24.62 -6.79
CA GLN A 32 -13.59 23.28 -7.23
C GLN A 32 -12.52 23.32 -8.31
N PHE A 33 -11.52 22.45 -8.19
CA PHE A 33 -10.48 22.43 -9.20
C PHE A 33 -10.38 21.11 -9.98
N VAL A 34 -10.60 19.99 -9.32
CA VAL A 34 -10.54 18.72 -10.02
C VAL A 34 -11.88 18.00 -10.12
N ARG A 35 -11.96 17.15 -11.12
CA ARG A 35 -13.13 16.33 -11.40
C ARG A 35 -12.61 15.12 -12.12
N PHE A 36 -13.19 13.96 -11.84
CA PHE A 36 -12.76 12.75 -12.51
C PHE A 36 -13.98 11.86 -12.70
N ASP A 37 -14.25 11.43 -13.92
CA ASP A 37 -15.41 10.57 -14.10
C ASP A 37 -15.07 9.22 -14.72
N SER A 38 -15.31 8.16 -13.95
CA SER A 38 -15.05 6.78 -14.36
C SER A 38 -15.72 6.37 -15.66
N ASP A 39 -16.75 7.10 -16.07
CA ASP A 39 -17.50 6.79 -17.27
C ASP A 39 -17.08 7.47 -18.56
N ALA A 40 -16.54 8.68 -18.45
CA ALA A 40 -16.09 9.41 -19.62
C ALA A 40 -15.43 8.46 -20.64
N ALA A 41 -15.56 8.78 -21.93
CA ALA A 41 -14.98 7.97 -23.01
C ALA A 41 -13.50 7.81 -22.80
N SER A 42 -12.94 8.81 -22.13
CA SER A 42 -11.54 8.88 -21.80
C SER A 42 -11.51 9.19 -20.31
N PRO A 43 -11.43 8.15 -19.47
CA PRO A 43 -11.40 8.41 -18.04
C PRO A 43 -10.07 9.06 -17.67
N ARG A 44 -10.10 10.34 -17.32
CA ARG A 44 -8.90 11.03 -16.91
C ARG A 44 -9.23 12.19 -15.99
N GLY A 45 -8.20 12.69 -15.30
CA GLY A 45 -8.38 13.81 -14.40
C GLY A 45 -8.57 15.06 -15.21
N GLU A 46 -9.41 15.97 -14.72
CA GLU A 46 -9.68 17.21 -15.44
C GLU A 46 -9.65 18.43 -14.53
N PRO A 47 -9.18 19.56 -15.06
CA PRO A 47 -9.10 20.80 -14.29
C PRO A 47 -10.44 21.52 -14.29
N ARG A 48 -10.71 22.26 -13.23
CA ARG A 48 -11.94 23.01 -13.11
C ARG A 48 -11.66 24.38 -12.53
N ALA A 49 -10.39 24.71 -12.40
CA ALA A 49 -9.99 26.00 -11.87
C ALA A 49 -8.70 26.43 -12.56
N PRO A 50 -8.57 27.73 -12.85
CA PRO A 50 -7.36 28.24 -13.52
C PRO A 50 -6.10 27.70 -12.85
N TRP A 51 -5.80 28.25 -11.69
CA TRP A 51 -4.61 27.87 -10.95
C TRP A 51 -4.12 26.43 -11.13
N VAL A 52 -4.98 25.46 -10.90
CA VAL A 52 -4.59 24.07 -10.99
C VAL A 52 -4.39 23.56 -12.43
N GLU A 53 -4.83 24.35 -13.41
CA GLU A 53 -4.68 23.97 -14.81
C GLU A 53 -3.34 24.44 -15.35
N GLN A 54 -2.71 25.35 -14.60
CA GLN A 54 -1.42 25.86 -14.99
C GLN A 54 -0.39 24.75 -14.92
N GLU A 55 -0.67 23.77 -14.07
CA GLU A 55 0.22 22.63 -13.87
C GLU A 55 0.44 21.91 -15.20
N GLY A 56 1.35 20.94 -15.20
CA GLY A 56 1.66 20.21 -16.41
C GLY A 56 1.34 18.72 -16.39
N PRO A 57 1.48 18.04 -17.54
CA PRO A 57 1.26 16.63 -17.82
C PRO A 57 1.58 15.64 -16.72
N GLU A 58 2.83 15.65 -16.26
CA GLU A 58 3.21 14.72 -15.20
C GLU A 58 2.17 14.79 -14.09
N TYR A 59 1.85 16.01 -13.65
CA TYR A 59 0.87 16.23 -12.59
C TYR A 59 -0.46 15.61 -12.97
N TRP A 60 -1.13 16.20 -13.96
CA TRP A 60 -2.41 15.70 -14.40
C TRP A 60 -2.43 14.22 -14.65
N ASP A 61 -1.30 13.69 -15.07
CA ASP A 61 -1.23 12.27 -15.30
C ASP A 61 -1.00 11.48 -14.02
N ARG A 62 -0.16 11.99 -13.12
CA ARG A 62 0.09 11.30 -11.88
C ARG A 62 -1.22 11.28 -11.11
N GLU A 63 -2.00 12.36 -11.25
CA GLU A 63 -3.28 12.48 -10.59
C GLU A 63 -4.27 11.51 -11.21
N THR A 64 -4.24 11.39 -12.52
CA THR A 64 -5.15 10.48 -13.19
C THR A 64 -4.86 9.05 -12.78
N GLN A 65 -3.59 8.74 -12.63
CA GLN A 65 -3.23 7.39 -12.24
C GLN A 65 -3.86 7.08 -10.91
N LYS A 66 -3.90 8.07 -10.04
CA LYS A 66 -4.49 7.89 -8.73
C LYS A 66 -5.98 7.66 -8.86
N TYR A 67 -6.67 8.50 -9.60
CA TYR A 67 -8.10 8.33 -9.75
C TYR A 67 -8.43 6.97 -10.36
N LYS A 68 -7.79 6.64 -11.48
CA LYS A 68 -8.04 5.35 -12.11
C LYS A 68 -7.84 4.26 -11.08
N ARG A 69 -6.75 4.35 -10.34
CA ARG A 69 -6.41 3.39 -9.32
C ARG A 69 -7.42 3.39 -8.16
N GLN A 70 -7.91 4.57 -7.79
CA GLN A 70 -8.87 4.64 -6.70
C GLN A 70 -10.05 3.79 -7.05
N ALA A 71 -10.77 4.22 -8.07
CA ALA A 71 -11.94 3.51 -8.55
C ALA A 71 -11.71 2.01 -8.51
N GLN A 72 -10.63 1.58 -9.14
CA GLN A 72 -10.30 0.16 -9.18
C GLN A 72 -10.38 -0.44 -7.80
N THR A 73 -10.11 0.38 -6.80
CA THR A 73 -10.16 -0.09 -5.45
C THR A 73 -11.56 -0.05 -4.89
N ASP A 74 -12.23 1.08 -5.04
CA ASP A 74 -13.59 1.19 -4.53
C ASP A 74 -14.39 0.05 -5.13
N ARG A 75 -14.06 -0.30 -6.37
CA ARG A 75 -14.76 -1.38 -7.05
C ARG A 75 -14.76 -2.60 -6.13
N VAL A 76 -13.58 -2.94 -5.64
CA VAL A 76 -13.39 -4.07 -4.74
C VAL A 76 -14.01 -3.76 -3.39
N SER A 77 -13.89 -2.52 -2.96
CA SER A 77 -14.44 -2.10 -1.68
C SER A 77 -15.92 -2.35 -1.70
N LEU A 78 -16.58 -1.96 -2.79
CA LEU A 78 -18.01 -2.22 -2.90
C LEU A 78 -18.20 -3.73 -2.80
N ARG A 79 -17.81 -4.48 -3.83
CA ARG A 79 -17.95 -5.92 -3.77
C ARG A 79 -17.61 -6.49 -2.40
N ASN A 80 -16.73 -5.80 -1.66
CA ASN A 80 -16.37 -6.28 -0.32
C ASN A 80 -17.55 -6.13 0.65
N LEU A 81 -17.95 -4.88 0.90
CA LEU A 81 -19.05 -4.57 1.81
C LEU A 81 -20.29 -5.37 1.46
N ARG A 82 -20.64 -5.41 0.18
CA ARG A 82 -21.81 -6.15 -0.26
C ARG A 82 -21.78 -7.52 0.36
N GLY A 83 -20.60 -7.95 0.79
CA GLY A 83 -20.48 -9.25 1.42
C GLY A 83 -20.49 -9.11 2.91
N TYR A 84 -19.73 -8.14 3.41
CA TYR A 84 -19.65 -7.86 4.85
C TYR A 84 -21.04 -7.89 5.43
N TYR A 85 -21.98 -7.26 4.73
CA TYR A 85 -23.37 -7.18 5.15
C TYR A 85 -24.18 -8.28 4.47
N ASN A 86 -23.50 -9.12 3.71
CA ASN A 86 -24.16 -10.21 3.00
C ASN A 86 -25.45 -9.70 2.38
N GLN A 87 -25.34 -9.14 1.18
CA GLN A 87 -26.50 -8.58 0.50
C GLN A 87 -26.68 -9.15 -0.89
N SER A 88 -27.78 -8.79 -1.54
CA SER A 88 -28.07 -9.24 -2.90
C SER A 88 -26.87 -9.08 -3.79
N GLU A 89 -26.82 -9.89 -4.83
CA GLU A 89 -25.73 -9.84 -5.78
C GLU A 89 -26.09 -8.69 -6.70
N ALA A 90 -27.39 -8.58 -7.01
CA ALA A 90 -27.88 -7.55 -7.89
C ALA A 90 -28.54 -6.40 -7.14
N GLY A 91 -28.06 -6.11 -5.95
CA GLY A 91 -28.61 -5.01 -5.18
C GLY A 91 -27.64 -3.84 -5.06
N SER A 92 -27.80 -2.84 -5.94
CA SER A 92 -26.95 -1.64 -5.98
C SER A 92 -26.54 -1.04 -4.64
N HIS A 93 -25.47 -0.24 -4.63
CA HIS A 93 -24.99 0.39 -3.40
C HIS A 93 -24.07 1.56 -3.67
N ILE A 94 -23.60 2.18 -2.60
CA ILE A 94 -22.74 3.33 -2.73
C ILE A 94 -21.74 3.44 -1.59
N ILE A 95 -20.57 3.99 -1.89
CA ILE A 95 -19.56 4.18 -0.88
C ILE A 95 -18.99 5.56 -1.06
N GLN A 96 -19.35 6.47 -0.18
CA GLN A 96 -18.82 7.81 -0.29
C GLN A 96 -17.60 7.97 0.60
N ARG A 97 -16.75 8.92 0.27
CA ARG A 97 -15.55 9.21 1.06
C ARG A 97 -15.21 10.70 1.03
N MET A 98 -14.91 11.23 2.21
CA MET A 98 -14.55 12.64 2.35
C MET A 98 -13.23 12.67 3.15
N TYR A 99 -12.29 13.48 2.68
CA TYR A 99 -11.01 13.63 3.34
C TYR A 99 -10.40 14.91 2.86
N GLY A 100 -9.55 15.51 3.70
CA GLY A 100 -8.91 16.76 3.32
C GLY A 100 -8.16 17.35 4.49
N CYS A 101 -7.96 18.65 4.48
CA CYS A 101 -7.24 19.25 5.56
C CYS A 101 -7.51 20.73 5.75
N ASP A 102 -7.69 21.10 7.02
CA ASP A 102 -7.92 22.48 7.45
C ASP A 102 -6.60 23.10 7.93
N VAL A 103 -6.37 24.35 7.55
CA VAL A 103 -5.14 25.04 7.95
C VAL A 103 -5.39 26.44 8.53
N GLY A 104 -4.37 26.97 9.19
CA GLY A 104 -4.48 28.30 9.78
C GLY A 104 -4.08 29.33 8.75
N PRO A 105 -4.46 30.59 8.90
CA PRO A 105 -4.11 31.63 7.93
C PRO A 105 -2.60 31.70 7.67
N ASP A 106 -1.86 31.09 8.58
CA ASP A 106 -0.40 31.05 8.52
C ASP A 106 0.08 29.78 7.82
N GLY A 107 -0.85 28.84 7.67
CA GLY A 107 -0.56 27.54 7.09
C GLY A 107 -0.78 26.64 8.29
N ARG A 108 0.00 25.58 8.43
CA ARG A 108 -0.16 24.70 9.58
C ARG A 108 -1.51 24.01 9.69
N LEU A 109 -1.46 22.72 10.04
CA LEU A 109 -2.66 21.91 10.16
C LEU A 109 -3.41 22.14 11.46
N LEU A 110 -4.72 22.32 11.31
CA LEU A 110 -5.64 22.51 12.44
C LEU A 110 -6.28 21.15 12.63
N ARG A 111 -7.02 20.69 11.62
CA ARG A 111 -7.64 19.38 11.66
C ARG A 111 -7.63 18.73 10.28
N GLY A 112 -7.30 17.45 10.27
CA GLY A 112 -7.29 16.68 9.03
C GLY A 112 -8.36 15.61 9.19
N TYR A 113 -8.76 14.94 8.11
CA TYR A 113 -9.76 13.89 8.23
C TYR A 113 -9.80 12.91 7.07
N ASP A 114 -10.77 12.00 7.10
CA ASP A 114 -10.93 10.96 6.10
C ASP A 114 -12.02 10.07 6.66
N GLN A 115 -13.16 10.00 6.01
CA GLN A 115 -14.27 9.19 6.53
C GLN A 115 -15.17 8.67 5.42
N TYR A 116 -15.65 7.43 5.57
CA TYR A 116 -16.51 6.86 4.54
C TYR A 116 -17.94 6.65 5.05
N ALA A 117 -18.85 6.45 4.12
CA ALA A 117 -20.24 6.22 4.41
C ALA A 117 -20.76 5.14 3.47
N TYR A 118 -21.56 4.20 3.98
CA TYR A 118 -22.12 3.16 3.13
C TYR A 118 -23.63 3.37 2.99
N ASP A 119 -24.07 3.63 1.77
CA ASP A 119 -25.47 3.90 1.49
C ASP A 119 -25.89 5.10 2.32
N GLY A 120 -25.22 6.25 2.09
CA GLY A 120 -25.51 7.47 2.83
C GLY A 120 -25.57 7.32 4.34
N LYS A 121 -24.89 6.29 4.84
CA LYS A 121 -24.89 5.98 6.26
C LYS A 121 -23.47 5.87 6.83
N ASP A 122 -23.11 6.78 7.73
CA ASP A 122 -21.80 6.79 8.33
C ASP A 122 -21.25 5.38 8.56
N TYR A 123 -20.13 5.07 7.89
CA TYR A 123 -19.46 3.77 7.98
C TYR A 123 -18.29 3.82 8.95
N ILE A 124 -17.11 4.15 8.44
CA ILE A 124 -15.91 4.26 9.26
C ILE A 124 -15.25 5.61 9.07
N ALA A 125 -14.48 6.05 10.06
CA ALA A 125 -13.82 7.34 9.97
C ALA A 125 -12.50 7.42 10.71
N LEU A 126 -11.57 8.17 10.14
CA LEU A 126 -10.29 8.38 10.74
C LEU A 126 -10.54 9.36 11.86
N ASN A 127 -10.13 9.00 13.07
CA ASN A 127 -10.31 9.85 14.24
C ASN A 127 -9.45 11.10 14.23
N GLU A 128 -9.87 12.09 15.00
CA GLU A 128 -9.14 13.34 15.04
C GLU A 128 -7.66 13.22 15.40
N ASP A 129 -7.28 12.21 16.19
CA ASP A 129 -5.87 12.07 16.55
C ASP A 129 -5.04 11.46 15.42
N LEU A 130 -5.67 11.30 14.25
CA LEU A 130 -5.03 10.73 13.07
C LEU A 130 -4.26 9.44 13.29
N ARG A 131 -4.73 8.60 14.21
CA ARG A 131 -4.04 7.35 14.50
C ARG A 131 -5.00 6.21 14.79
N SER A 132 -6.30 6.51 14.80
CA SER A 132 -7.28 5.49 15.10
C SER A 132 -8.54 5.60 14.23
N TRP A 133 -9.42 4.61 14.35
CA TRP A 133 -10.66 4.61 13.58
C TRP A 133 -11.85 4.47 14.49
N THR A 134 -13.01 4.80 13.94
CA THR A 134 -14.28 4.72 14.66
C THR A 134 -15.26 4.01 13.75
N ALA A 135 -15.38 2.70 13.93
CA ALA A 135 -16.28 1.92 13.12
C ALA A 135 -17.71 2.14 13.55
N ALA A 136 -18.58 2.41 12.59
CA ALA A 136 -19.99 2.64 12.89
C ALA A 136 -20.65 1.34 13.34
N ASP A 137 -20.36 0.23 12.68
CA ASP A 137 -20.94 -1.06 13.05
C ASP A 137 -19.98 -2.24 12.99
N THR A 138 -20.50 -3.43 13.28
CA THR A 138 -19.68 -4.64 13.28
C THR A 138 -18.96 -4.85 11.95
N ALA A 139 -19.65 -4.62 10.85
CA ALA A 139 -19.08 -4.77 9.53
C ALA A 139 -17.81 -3.92 9.40
N ALA A 140 -17.99 -2.61 9.53
CA ALA A 140 -16.85 -1.71 9.43
C ALA A 140 -15.71 -2.16 10.36
N GLN A 141 -16.02 -2.94 11.38
CA GLN A 141 -14.96 -3.39 12.27
C GLN A 141 -13.98 -4.23 11.48
N ILE A 142 -14.51 -5.09 10.61
CA ILE A 142 -13.66 -5.93 9.77
C ILE A 142 -12.66 -5.03 9.06
N THR A 143 -13.18 -3.98 8.45
CA THR A 143 -12.35 -3.01 7.75
C THR A 143 -11.20 -2.56 8.65
N GLN A 144 -11.54 -2.09 9.83
CA GLN A 144 -10.56 -1.62 10.79
C GLN A 144 -9.45 -2.64 11.06
N ARG A 145 -9.86 -3.84 11.48
CA ARG A 145 -8.91 -4.90 11.75
C ARG A 145 -7.90 -4.92 10.61
N LYS A 146 -8.41 -4.91 9.39
CA LYS A 146 -7.55 -4.94 8.21
C LYS A 146 -6.71 -3.68 8.11
N TRP A 147 -7.39 -2.55 8.11
CA TRP A 147 -6.74 -1.25 8.02
C TRP A 147 -5.80 -0.97 9.16
N GLU A 148 -6.11 -1.50 10.32
CA GLU A 148 -5.22 -1.28 11.45
C GLU A 148 -3.95 -2.09 11.18
N ALA A 149 -4.15 -3.31 10.70
CA ALA A 149 -3.02 -4.20 10.38
C ALA A 149 -2.25 -3.73 9.14
N ALA A 150 -2.82 -2.78 8.40
CA ALA A 150 -2.16 -2.27 7.21
C ALA A 150 -1.56 -0.89 7.46
N ARG A 151 -1.77 -0.36 8.66
CA ARG A 151 -1.23 0.93 9.05
C ARG A 151 -1.77 2.08 8.20
N GLU A 152 -3.00 1.98 7.73
CA GLU A 152 -3.56 3.04 6.91
C GLU A 152 -3.48 4.41 7.60
N ALA A 153 -3.74 4.46 8.90
CA ALA A 153 -3.68 5.73 9.60
C ALA A 153 -2.28 6.32 9.45
N GLU A 154 -1.28 5.49 9.76
CA GLU A 154 0.12 5.91 9.66
C GLU A 154 0.39 6.61 8.35
N GLN A 155 -0.17 6.08 7.27
CA GLN A 155 0.02 6.65 5.95
C GLN A 155 -0.90 7.81 5.65
N LEU A 156 -2.20 7.58 5.79
CA LEU A 156 -3.19 8.62 5.56
C LEU A 156 -2.83 9.87 6.32
N ARG A 157 -2.34 9.65 7.54
CA ARG A 157 -1.94 10.72 8.42
C ARG A 157 -0.86 11.56 7.74
N ALA A 158 0.17 10.86 7.29
CA ALA A 158 1.31 11.50 6.64
C ALA A 158 0.91 12.44 5.51
N TYR A 159 -0.17 12.13 4.81
CA TYR A 159 -0.63 12.95 3.70
C TYR A 159 -1.36 14.16 4.24
N LEU A 160 -2.28 13.90 5.15
CA LEU A 160 -3.05 14.95 5.77
C LEU A 160 -2.07 15.93 6.37
N GLU A 161 -1.11 15.41 7.13
CA GLU A 161 -0.11 16.24 7.77
C GLU A 161 0.84 16.78 6.73
N GLY A 162 1.42 15.91 5.93
CA GLY A 162 2.36 16.32 4.91
C GLY A 162 1.85 17.03 3.66
N LEU A 163 1.61 16.26 2.59
CA LEU A 163 1.18 16.83 1.31
C LEU A 163 -0.20 17.48 1.22
N CYS A 164 -1.18 16.99 1.96
CA CYS A 164 -2.50 17.59 1.88
C CYS A 164 -2.38 19.09 2.07
N VAL A 165 -1.44 19.46 2.93
CA VAL A 165 -1.19 20.85 3.26
C VAL A 165 -0.42 21.55 2.15
N GLU A 166 0.81 21.10 1.94
CA GLU A 166 1.70 21.65 0.92
C GLU A 166 0.94 21.96 -0.34
N TRP A 167 0.08 21.05 -0.76
CA TRP A 167 -0.71 21.26 -1.96
C TRP A 167 -1.57 22.47 -1.81
N LEU A 168 -2.30 22.52 -0.71
CA LEU A 168 -3.19 23.62 -0.41
C LEU A 168 -2.43 24.94 -0.43
N ARG A 169 -1.20 24.93 0.06
CA ARG A 169 -0.40 26.15 0.04
C ARG A 169 -0.26 26.51 -1.43
N ARG A 170 0.35 25.60 -2.20
CA ARG A 170 0.56 25.77 -3.63
C ARG A 170 -0.67 26.29 -4.35
N TYR A 171 -1.81 25.66 -4.10
CA TYR A 171 -3.03 26.09 -4.76
C TYR A 171 -3.41 27.50 -4.29
N LEU A 172 -3.39 27.72 -2.98
CA LEU A 172 -3.71 29.03 -2.44
C LEU A 172 -2.85 30.11 -3.08
N LYS A 173 -1.55 29.82 -3.19
CA LYS A 173 -0.61 30.77 -3.77
C LYS A 173 -0.95 31.13 -5.23
N ASN A 174 -1.02 30.14 -6.10
CA ASN A 174 -1.30 30.40 -7.50
C ASN A 174 -2.67 30.98 -7.79
N GLY A 175 -3.65 30.66 -6.94
CA GLY A 175 -4.97 31.19 -7.15
C GLY A 175 -5.33 32.26 -6.14
N LYS A 176 -4.32 32.90 -5.57
CA LYS A 176 -4.54 33.94 -4.56
C LYS A 176 -5.54 34.98 -5.04
N GLU A 177 -5.46 35.38 -6.30
CA GLU A 177 -6.38 36.40 -6.81
C GLU A 177 -7.82 35.89 -6.90
N THR A 178 -8.07 34.68 -6.43
CA THR A 178 -9.42 34.13 -6.44
C THR A 178 -9.79 33.69 -5.04
N LEU A 179 -9.17 32.59 -4.64
CA LEU A 179 -9.41 31.98 -3.34
C LEU A 179 -9.14 32.90 -2.14
N GLN A 180 -8.05 33.65 -2.21
CA GLN A 180 -7.70 34.56 -1.12
C GLN A 180 -8.23 35.98 -1.32
N ARG A 181 -9.16 36.15 -2.24
CA ARG A 181 -9.75 37.47 -2.51
C ARG A 181 -11.11 37.57 -1.81
N ALA A 182 -12.11 38.14 -2.47
CA ALA A 182 -13.40 38.25 -1.82
C ALA A 182 -14.58 38.33 -2.75
N GLU A 183 -14.60 39.33 -3.62
CA GLU A 183 -15.72 39.47 -4.55
C GLU A 183 -17.06 39.64 -3.83
N HIS A 184 -17.35 40.90 -3.48
CA HIS A 184 -18.56 41.30 -2.80
C HIS A 184 -19.80 41.10 -3.67
N PRO A 185 -20.95 40.92 -3.03
CA PRO A 185 -22.21 40.70 -3.73
C PRO A 185 -22.80 41.96 -4.33
N LYS A 186 -23.29 41.85 -5.56
CA LYS A 186 -23.93 42.98 -6.19
C LYS A 186 -25.37 42.89 -5.68
N THR A 187 -25.70 43.81 -4.78
CA THR A 187 -26.99 43.83 -4.12
C THR A 187 -28.06 44.75 -4.71
N HIS A 188 -29.30 44.48 -4.32
CA HIS A 188 -30.44 45.27 -4.73
C HIS A 188 -31.75 44.70 -4.19
N VAL A 189 -32.83 45.46 -4.30
CA VAL A 189 -34.14 45.04 -3.82
C VAL A 189 -35.23 45.15 -4.87
N THR A 190 -36.05 44.11 -4.98
CA THR A 190 -37.13 44.08 -5.96
C THR A 190 -38.47 44.28 -5.24
N HIS A 191 -39.32 45.13 -5.79
CA HIS A 191 -40.63 45.40 -5.19
C HIS A 191 -41.76 44.68 -5.93
N HIS A 192 -42.41 43.75 -5.25
CA HIS A 192 -43.53 43.00 -5.85
C HIS A 192 -44.81 43.12 -5.04
N PRO A 193 -45.71 44.03 -5.43
CA PRO A 193 -46.97 44.19 -4.69
C PRO A 193 -47.75 42.88 -4.70
N VAL A 194 -47.90 42.26 -3.54
CA VAL A 194 -48.60 40.99 -3.45
C VAL A 194 -50.13 41.05 -3.42
N SER A 195 -50.70 41.49 -2.32
CA SER A 195 -52.16 41.57 -2.22
C SER A 195 -52.61 42.92 -1.67
N ASP A 196 -53.54 43.55 -2.38
CA ASP A 196 -54.12 44.85 -2.03
C ASP A 196 -53.66 45.48 -0.70
N HIS A 197 -52.76 46.46 -0.82
CA HIS A 197 -52.19 47.18 0.32
C HIS A 197 -50.88 46.55 0.82
N GLU A 198 -50.54 45.39 0.28
CA GLU A 198 -49.32 44.69 0.66
C GLU A 198 -48.30 44.51 -0.47
N ALA A 199 -47.02 44.50 -0.10
CA ALA A 199 -45.94 44.34 -1.07
C ALA A 199 -44.79 43.47 -0.54
N THR A 200 -44.12 42.75 -1.43
CA THR A 200 -43.00 41.87 -1.06
C THR A 200 -41.68 42.46 -1.57
N LEU A 201 -40.71 42.62 -0.68
CA LEU A 201 -39.43 43.17 -1.12
C LEU A 201 -38.26 42.21 -0.86
N ARG A 202 -37.58 41.80 -1.93
CA ARG A 202 -36.44 40.89 -1.84
C ARG A 202 -35.12 41.59 -1.95
N CYS A 203 -34.19 41.18 -1.09
CA CYS A 203 -32.86 41.75 -1.06
C CYS A 203 -31.91 40.73 -1.69
N TRP A 204 -31.48 40.99 -2.93
CA TRP A 204 -30.58 40.07 -3.64
C TRP A 204 -29.12 40.38 -3.39
N ALA A 205 -28.33 39.31 -3.29
CA ALA A 205 -26.89 39.41 -3.09
C ALA A 205 -26.37 38.31 -3.98
N LEU A 206 -25.81 38.68 -5.13
CA LEU A 206 -25.32 37.66 -6.07
C LEU A 206 -23.85 37.72 -6.43
N GLY A 207 -23.41 36.70 -7.16
CA GLY A 207 -22.04 36.60 -7.61
C GLY A 207 -20.99 36.88 -6.56
N PHE A 208 -21.14 36.32 -5.36
CA PHE A 208 -20.16 36.55 -4.31
C PHE A 208 -19.41 35.26 -3.95
N TYR A 209 -18.42 35.35 -3.07
CA TYR A 209 -17.65 34.19 -2.66
C TYR A 209 -16.73 34.57 -1.49
N PRO A 210 -16.57 33.71 -0.48
CA PRO A 210 -17.19 32.39 -0.33
C PRO A 210 -18.71 32.46 -0.24
N ALA A 211 -19.35 31.30 -0.15
CA ALA A 211 -20.80 31.26 -0.09
C ALA A 211 -21.31 31.72 1.27
N GLU A 212 -20.41 31.77 2.24
CA GLU A 212 -20.77 32.21 3.58
C GLU A 212 -21.19 33.67 3.50
N ILE A 213 -22.44 33.95 3.84
CA ILE A 213 -22.94 35.33 3.83
C ILE A 213 -24.10 35.48 4.81
N THR A 214 -24.46 36.72 5.11
CA THR A 214 -25.57 36.98 6.01
C THR A 214 -26.47 38.10 5.49
N LEU A 215 -27.76 37.81 5.41
CA LEU A 215 -28.75 38.76 4.94
C LEU A 215 -29.84 38.96 5.98
N THR A 216 -30.10 40.21 6.34
CA THR A 216 -31.08 40.54 7.36
C THR A 216 -32.04 41.66 6.99
N TRP A 217 -33.22 41.62 7.60
CA TRP A 217 -34.26 42.62 7.38
C TRP A 217 -34.58 43.41 8.64
N GLN A 218 -34.58 44.73 8.55
CA GLN A 218 -34.89 45.56 9.71
C GLN A 218 -35.91 46.63 9.41
N TRP A 219 -36.93 46.66 10.26
CA TRP A 219 -38.03 47.60 10.16
C TRP A 219 -37.89 48.67 11.23
N ASP A 220 -37.59 49.88 10.80
CA ASP A 220 -37.38 51.01 11.71
C ASP A 220 -36.13 50.79 12.54
N GLY A 221 -35.32 49.81 12.16
CA GLY A 221 -34.10 49.55 12.91
C GLY A 221 -34.21 48.37 13.86
N GLU A 222 -35.28 47.61 13.76
CA GLU A 222 -35.49 46.44 14.62
C GLU A 222 -35.48 45.13 13.82
N ASP A 223 -34.64 44.18 14.23
CA ASP A 223 -34.52 42.90 13.54
C ASP A 223 -35.83 42.17 13.33
N GLN A 224 -36.07 41.77 12.09
CA GLN A 224 -37.28 41.07 11.72
C GLN A 224 -37.04 39.57 11.66
N THR A 225 -35.94 39.15 12.28
CA THR A 225 -35.56 37.74 12.31
C THR A 225 -36.73 36.77 12.11
N GLN A 226 -37.87 37.10 12.71
CA GLN A 226 -39.06 36.24 12.65
C GLN A 226 -39.84 36.17 11.34
N ASP A 227 -39.90 37.28 10.60
CA ASP A 227 -40.66 37.31 9.35
C ASP A 227 -39.83 37.47 8.10
N THR A 228 -38.51 37.33 8.25
CA THR A 228 -37.59 37.44 7.14
C THR A 228 -37.55 36.08 6.44
N GLU A 229 -38.12 36.01 5.24
CA GLU A 229 -38.15 34.78 4.46
C GLU A 229 -36.96 34.75 3.51
N LEU A 230 -36.12 33.71 3.59
CA LEU A 230 -34.93 33.60 2.74
C LEU A 230 -34.61 32.18 2.26
N VAL A 231 -34.20 32.05 0.99
CA VAL A 231 -33.86 30.77 0.38
C VAL A 231 -32.40 30.38 0.62
N GLU A 232 -32.13 29.07 0.67
CA GLU A 232 -30.78 28.58 0.89
C GLU A 232 -29.87 28.99 -0.23
N THR A 233 -28.61 29.24 0.10
CA THR A 233 -27.61 29.70 -0.87
C THR A 233 -27.39 28.76 -2.03
N ARG A 234 -27.57 29.25 -3.25
CA ARG A 234 -27.34 28.43 -4.42
C ARG A 234 -26.23 29.00 -5.29
N PRO A 235 -25.60 28.12 -6.08
CA PRO A 235 -24.51 28.49 -6.98
C PRO A 235 -24.98 29.17 -8.25
N ALA A 236 -24.35 30.31 -8.57
CA ALA A 236 -24.69 31.07 -9.76
C ALA A 236 -24.44 30.20 -10.98
N GLY A 237 -23.63 29.16 -10.81
CA GLY A 237 -23.33 28.26 -11.91
C GLY A 237 -22.09 28.71 -12.65
N ASP A 238 -21.38 29.64 -12.04
CA ASP A 238 -20.16 30.17 -12.63
C ASP A 238 -19.12 30.46 -11.55
N GLY A 239 -19.13 29.68 -10.47
CA GLY A 239 -18.16 29.89 -9.40
C GLY A 239 -18.59 30.82 -8.27
N THR A 240 -19.61 31.65 -8.51
CA THR A 240 -20.11 32.58 -7.50
C THR A 240 -21.44 32.10 -6.96
N PHE A 241 -21.97 32.79 -5.95
CA PHE A 241 -23.23 32.34 -5.37
C PHE A 241 -24.36 33.36 -5.34
N GLN A 242 -25.53 32.90 -4.89
CA GLN A 242 -26.70 33.74 -4.81
C GLN A 242 -27.41 33.50 -3.51
N LYS A 243 -28.41 34.33 -3.25
CA LYS A 243 -29.27 34.24 -2.06
C LYS A 243 -30.06 35.53 -1.93
N TRP A 244 -31.21 35.44 -1.27
CA TRP A 244 -32.06 36.59 -1.05
C TRP A 244 -33.03 36.37 0.09
N ALA A 245 -33.37 37.47 0.76
CA ALA A 245 -34.30 37.45 1.87
C ALA A 245 -35.47 38.38 1.54
N ALA A 246 -36.65 38.07 2.04
CA ALA A 246 -37.84 38.88 1.77
C ALA A 246 -38.82 38.94 2.93
N VAL A 247 -39.57 40.04 2.98
CA VAL A 247 -40.56 40.28 4.01
C VAL A 247 -41.77 40.95 3.40
N VAL A 248 -42.95 40.62 3.92
CA VAL A 248 -44.18 41.25 3.43
C VAL A 248 -44.26 42.60 4.15
N VAL A 249 -44.82 43.60 3.48
CA VAL A 249 -44.88 44.93 4.06
C VAL A 249 -46.10 45.76 3.63
N PRO A 250 -46.50 46.71 4.48
CA PRO A 250 -47.66 47.57 4.16
C PRO A 250 -47.20 48.64 3.16
N SER A 251 -47.88 48.69 2.01
CA SER A 251 -47.55 49.65 0.98
C SER A 251 -47.20 51.02 1.56
N GLY A 252 -46.45 51.80 0.77
CA GLY A 252 -46.04 53.12 1.20
C GLY A 252 -44.91 53.10 2.23
N GLU A 253 -45.18 52.47 3.37
CA GLU A 253 -44.24 52.37 4.47
C GLU A 253 -43.03 51.50 4.16
N GLU A 254 -42.80 51.25 2.87
CA GLU A 254 -41.68 50.44 2.43
C GLU A 254 -40.36 50.97 2.98
N GLN A 255 -40.08 52.24 2.69
CA GLN A 255 -38.84 52.87 3.13
C GLN A 255 -38.48 52.72 4.60
N ARG A 256 -39.32 52.07 5.38
CA ARG A 256 -39.00 51.88 6.79
C ARG A 256 -38.17 50.61 6.95
N TYR A 257 -38.28 49.72 5.96
CA TYR A 257 -37.55 48.44 5.94
C TYR A 257 -36.25 48.53 5.17
N THR A 258 -35.16 48.21 5.87
CA THR A 258 -33.84 48.24 5.28
C THR A 258 -33.22 46.86 5.31
N CYS A 259 -32.41 46.57 4.29
CA CYS A 259 -31.77 45.28 4.18
C CYS A 259 -30.35 45.36 4.67
N HIS A 260 -29.87 44.26 5.23
CA HIS A 260 -28.53 44.24 5.75
C HIS A 260 -27.71 43.06 5.27
N VAL A 261 -26.60 43.37 4.62
CA VAL A 261 -25.71 42.37 4.08
C VAL A 261 -24.36 42.34 4.77
N GLN A 262 -23.88 41.15 5.08
CA GLN A 262 -22.59 41.02 5.72
C GLN A 262 -21.84 39.92 4.99
N HIS A 263 -20.81 40.30 4.28
CA HIS A 263 -19.99 39.34 3.52
C HIS A 263 -18.54 39.68 3.77
N GLU A 264 -17.64 38.79 3.37
CA GLU A 264 -16.20 39.00 3.56
C GLU A 264 -15.66 40.03 2.54
N GLY A 265 -16.32 40.11 1.39
CA GLY A 265 -15.90 41.05 0.37
C GLY A 265 -16.27 42.47 0.76
N LEU A 266 -17.16 42.62 1.73
CA LEU A 266 -17.59 43.92 2.21
C LEU A 266 -16.75 44.34 3.42
N PRO A 267 -16.10 45.50 3.33
CA PRO A 267 -15.27 45.96 4.45
C PRO A 267 -16.20 46.28 5.61
N GLU A 268 -17.32 46.88 5.25
CA GLU A 268 -18.36 47.26 6.19
C GLU A 268 -19.68 46.70 5.67
N PRO A 269 -20.51 46.19 6.58
CA PRO A 269 -21.83 45.62 6.28
C PRO A 269 -22.68 46.58 5.46
N LEU A 270 -23.41 46.06 4.49
CA LEU A 270 -24.25 46.90 3.64
C LEU A 270 -25.70 47.04 4.10
N THR A 271 -26.17 48.27 4.08
CA THR A 271 -27.54 48.60 4.45
C THR A 271 -28.16 49.20 3.18
N LEU A 272 -29.34 48.71 2.79
CA LEU A 272 -29.99 49.21 1.59
C LEU A 272 -31.50 49.03 1.56
N ARG A 273 -32.17 50.06 1.08
CA ARG A 273 -33.62 50.03 0.98
C ARG A 273 -33.95 49.92 -0.50
N TRP A 274 -35.23 49.98 -0.81
CA TRP A 274 -35.66 49.91 -2.18
C TRP A 274 -35.51 51.31 -2.77
N GLU A 275 -35.20 51.42 -4.06
CA GLU A 275 -35.07 52.73 -4.70
C GLU A 275 -36.10 52.83 -5.83
N PRO A 276 -37.32 53.25 -5.48
CA PRO A 276 -38.57 53.47 -6.23
C PRO A 276 -38.58 54.22 -7.57
N SER A 277 -37.62 53.97 -8.45
CA SER A 277 -37.61 54.63 -9.76
C SER A 277 -37.39 56.15 -9.63
N SER A 278 -38.47 56.91 -9.85
CA SER A 278 -38.44 58.37 -9.77
C SER A 278 -39.85 58.97 -9.74
N MET B 1 -31.93 0.83 3.26
CA MET B 1 -31.39 1.83 2.30
C MET B 1 -32.05 3.20 2.54
N ILE B 2 -31.44 3.96 3.44
CA ILE B 2 -31.89 5.31 3.83
C ILE B 2 -32.04 6.21 2.60
N GLN B 3 -33.10 7.00 2.56
CA GLN B 3 -33.33 7.91 1.44
C GLN B 3 -33.64 9.34 1.90
N ARG B 4 -33.47 10.29 0.99
CA ARG B 4 -33.74 11.70 1.27
C ARG B 4 -34.16 12.40 -0.03
N THR B 5 -35.25 13.17 0.05
CA THR B 5 -35.80 13.90 -1.10
C THR B 5 -35.01 15.16 -1.47
N PRO B 6 -34.96 15.49 -2.76
CA PRO B 6 -34.26 16.65 -3.32
C PRO B 6 -34.90 18.01 -3.24
N LYS B 7 -34.23 18.92 -2.53
CA LYS B 7 -34.70 20.28 -2.44
C LYS B 7 -34.54 20.77 -3.88
N ILE B 8 -35.32 21.75 -4.30
CA ILE B 8 -35.22 22.22 -5.67
C ILE B 8 -35.39 23.71 -5.86
N GLN B 9 -34.45 24.33 -6.56
CA GLN B 9 -34.51 25.76 -6.84
C GLN B 9 -34.26 26.08 -8.30
N VAL B 10 -35.17 26.81 -8.94
CA VAL B 10 -34.98 27.18 -10.35
C VAL B 10 -34.58 28.65 -10.41
N TYR B 11 -33.54 28.95 -11.19
CA TYR B 11 -33.08 30.34 -11.29
C TYR B 11 -32.09 30.61 -12.41
N SER B 12 -31.79 31.89 -12.63
CA SER B 12 -30.86 32.28 -13.66
C SER B 12 -29.58 32.82 -13.06
N ARG B 13 -28.47 32.54 -13.72
CA ARG B 13 -27.16 32.99 -13.25
C ARG B 13 -27.18 34.48 -13.01
N HIS B 14 -27.62 35.23 -14.01
CA HIS B 14 -27.69 36.69 -13.91
C HIS B 14 -29.13 37.21 -13.85
N PRO B 15 -29.33 38.39 -13.23
CA PRO B 15 -30.68 38.95 -13.15
C PRO B 15 -31.36 38.81 -14.50
N ALA B 16 -32.41 38.01 -14.53
CA ALA B 16 -33.17 37.75 -15.74
C ALA B 16 -33.67 39.02 -16.41
N GLU B 17 -33.74 38.98 -17.74
CA GLU B 17 -34.25 40.11 -18.51
C GLU B 17 -34.36 39.79 -20.00
N ASN B 18 -35.59 39.78 -20.50
CA ASN B 18 -35.91 39.48 -21.90
C ASN B 18 -34.87 39.94 -22.91
N GLY B 19 -34.77 39.22 -24.02
CA GLY B 19 -33.85 39.58 -25.07
C GLY B 19 -32.39 39.31 -24.77
N LYS B 20 -32.03 39.21 -23.50
CA LYS B 20 -30.65 38.94 -23.12
C LYS B 20 -30.41 37.44 -22.99
N SER B 21 -29.14 37.04 -23.02
CA SER B 21 -28.77 35.64 -22.88
C SER B 21 -28.58 35.41 -21.40
N ASN B 22 -28.71 34.17 -20.95
CA ASN B 22 -28.55 33.85 -19.54
C ASN B 22 -28.51 32.34 -19.40
N PHE B 23 -28.38 31.86 -18.17
CA PHE B 23 -28.38 30.42 -17.95
C PHE B 23 -29.59 30.05 -17.10
N LEU B 24 -30.21 28.92 -17.40
CA LEU B 24 -31.35 28.50 -16.61
C LEU B 24 -30.79 27.39 -15.76
N ASN B 25 -30.80 27.59 -14.44
CA ASN B 25 -30.25 26.61 -13.52
C ASN B 25 -31.33 25.90 -12.74
N CYS B 26 -30.95 24.76 -12.20
CA CYS B 26 -31.84 23.96 -11.38
C CYS B 26 -30.95 23.24 -10.40
N TYR B 27 -30.87 23.79 -9.19
CA TYR B 27 -30.04 23.22 -8.16
C TYR B 27 -30.80 22.19 -7.34
N VAL B 28 -30.42 20.92 -7.45
CA VAL B 28 -31.10 19.90 -6.67
C VAL B 28 -30.17 19.42 -5.56
N SER B 29 -30.60 19.59 -4.32
CA SER B 29 -29.75 19.20 -3.20
C SER B 29 -30.34 18.20 -2.23
N GLY B 30 -29.53 17.83 -1.24
CA GLY B 30 -29.95 16.89 -0.20
C GLY B 30 -30.60 15.55 -0.54
N PHE B 31 -30.49 15.11 -1.78
CA PHE B 31 -31.09 13.84 -2.17
C PHE B 31 -30.16 12.66 -1.95
N HIS B 32 -30.71 11.46 -1.97
CA HIS B 32 -29.93 10.22 -1.80
C HIS B 32 -30.87 9.03 -1.95
N PRO B 33 -30.49 8.02 -2.74
CA PRO B 33 -29.25 7.84 -3.51
C PRO B 33 -28.99 8.91 -4.56
N SER B 34 -27.95 8.71 -5.37
CA SER B 34 -27.57 9.66 -6.40
C SER B 34 -28.43 9.59 -7.67
N ASP B 35 -28.61 8.39 -8.20
CA ASP B 35 -29.41 8.22 -9.42
C ASP B 35 -30.54 9.24 -9.46
N ILE B 36 -30.54 10.09 -10.48
CA ILE B 36 -31.57 11.12 -10.58
C ILE B 36 -31.77 11.68 -11.98
N GLU B 37 -33.03 11.94 -12.31
CA GLU B 37 -33.41 12.52 -13.59
C GLU B 37 -33.79 13.96 -13.33
N VAL B 38 -33.08 14.88 -13.97
CA VAL B 38 -33.34 16.30 -13.80
C VAL B 38 -33.45 16.97 -15.15
N ASP B 39 -34.68 17.25 -15.60
CA ASP B 39 -34.91 17.87 -16.91
C ASP B 39 -35.34 19.33 -16.91
N LEU B 40 -34.72 20.11 -17.79
CA LEU B 40 -35.07 21.52 -17.93
C LEU B 40 -36.11 21.67 -19.05
N LEU B 41 -37.17 22.42 -18.80
CA LEU B 41 -38.21 22.59 -19.80
C LEU B 41 -38.36 23.99 -20.35
N LYS B 42 -38.78 24.05 -21.61
CA LYS B 42 -39.01 25.31 -22.31
C LYS B 42 -40.42 25.17 -22.85
N ASN B 43 -41.31 26.02 -22.37
CA ASN B 43 -42.70 26.01 -22.80
C ASN B 43 -43.26 24.59 -22.90
N GLY B 44 -43.33 23.91 -21.76
CA GLY B 44 -43.90 22.57 -21.75
C GLY B 44 -42.99 21.39 -21.93
N GLU B 45 -41.86 21.53 -22.62
CA GLU B 45 -41.03 20.35 -22.79
C GLU B 45 -39.51 20.48 -22.91
N ARG B 46 -38.89 19.33 -22.72
CA ARG B 46 -37.46 19.11 -22.73
C ARG B 46 -36.64 19.92 -23.71
N ILE B 47 -35.47 20.34 -23.25
CA ILE B 47 -34.50 21.11 -24.02
C ILE B 47 -33.34 20.13 -24.16
N GLU B 48 -32.47 20.32 -25.14
CA GLU B 48 -31.37 19.37 -25.31
C GLU B 48 -30.00 19.80 -24.84
N LYS B 49 -29.64 21.06 -25.06
CA LYS B 49 -28.33 21.54 -24.63
C LYS B 49 -28.22 21.76 -23.11
N VAL B 50 -28.59 20.74 -22.34
CA VAL B 50 -28.52 20.80 -20.88
C VAL B 50 -27.27 20.09 -20.37
N GLU B 51 -26.67 20.61 -19.30
CA GLU B 51 -25.48 20.03 -18.70
C GLU B 51 -25.70 19.98 -17.18
N HIS B 52 -24.77 19.35 -16.47
CA HIS B 52 -24.89 19.25 -15.00
C HIS B 52 -23.50 19.19 -14.40
N SER B 53 -23.30 19.91 -13.30
CA SER B 53 -22.02 19.95 -12.62
C SER B 53 -21.61 18.56 -12.17
N ASP B 54 -20.37 18.43 -11.71
CA ASP B 54 -19.89 17.15 -11.27
C ASP B 54 -20.45 16.78 -9.92
N LEU B 55 -20.96 15.56 -9.86
CA LEU B 55 -21.54 15.04 -8.65
C LEU B 55 -20.67 15.19 -7.41
N SER B 56 -21.26 15.82 -6.41
CA SER B 56 -20.59 16.07 -5.14
C SER B 56 -21.62 16.02 -4.01
N PHE B 57 -21.16 15.82 -2.77
CA PHE B 57 -22.07 15.77 -1.66
C PHE B 57 -21.75 16.77 -0.54
N SER B 58 -22.64 16.79 0.47
CA SER B 58 -22.54 17.69 1.63
C SER B 58 -21.99 16.97 2.85
N LYS B 59 -22.04 17.60 4.02
CA LYS B 59 -21.52 16.96 5.20
C LYS B 59 -22.43 15.85 5.67
N ASP B 60 -23.73 16.01 5.47
CA ASP B 60 -24.70 15.02 5.89
C ASP B 60 -24.77 13.91 4.86
N TRP B 61 -23.76 13.85 4.01
CA TRP B 61 -23.67 12.84 2.95
C TRP B 61 -24.66 13.03 1.79
N SER B 62 -25.54 14.02 1.87
CA SER B 62 -26.49 14.22 0.78
C SER B 62 -25.75 14.67 -0.48
N PHE B 63 -26.28 14.38 -1.66
CA PHE B 63 -25.65 14.80 -2.91
C PHE B 63 -26.16 16.17 -3.28
N TYR B 64 -25.78 16.63 -4.47
CA TYR B 64 -26.21 17.91 -5.02
C TYR B 64 -25.61 18.14 -6.38
N LEU B 65 -26.45 18.62 -7.29
CA LEU B 65 -26.04 18.89 -8.65
C LEU B 65 -26.64 20.18 -9.12
N LEU B 66 -26.04 20.75 -10.15
CA LEU B 66 -26.53 21.97 -10.72
C LEU B 66 -26.76 21.77 -12.19
N TYR B 67 -28.00 21.80 -12.63
CA TYR B 67 -28.20 21.67 -14.05
C TYR B 67 -28.35 23.08 -14.56
N TYR B 68 -27.98 23.27 -15.81
CA TYR B 68 -28.06 24.58 -16.43
C TYR B 68 -28.13 24.51 -17.95
N THR B 69 -28.08 25.68 -18.57
CA THR B 69 -28.13 25.79 -20.01
C THR B 69 -28.34 27.24 -20.39
N GLU B 70 -27.54 27.71 -21.35
CA GLU B 70 -27.65 29.09 -21.82
C GLU B 70 -29.09 29.25 -22.25
N PHE B 71 -29.58 30.48 -22.28
CA PHE B 71 -30.94 30.74 -22.71
C PHE B 71 -31.29 32.20 -22.66
N THR B 72 -32.08 32.61 -23.66
CA THR B 72 -32.54 33.98 -23.76
C THR B 72 -34.05 33.93 -23.55
N PRO B 73 -34.52 34.22 -22.32
CA PRO B 73 -35.95 34.21 -21.99
C PRO B 73 -36.75 35.35 -22.59
N THR B 74 -38.07 35.14 -22.64
CA THR B 74 -38.99 36.14 -23.18
C THR B 74 -40.13 36.36 -22.20
N GLU B 75 -40.91 37.43 -22.43
CA GLU B 75 -42.05 37.75 -21.60
C GLU B 75 -43.10 36.66 -21.87
N LYS B 76 -42.93 36.01 -23.02
CA LYS B 76 -43.84 34.96 -23.46
C LYS B 76 -43.42 33.57 -23.01
N ASP B 77 -42.15 33.25 -23.16
CA ASP B 77 -41.61 31.95 -22.80
C ASP B 77 -41.58 31.58 -21.32
N GLU B 78 -41.92 30.31 -21.06
CA GLU B 78 -41.95 29.76 -19.73
C GLU B 78 -40.91 28.64 -19.61
N TYR B 79 -40.23 28.56 -18.48
CA TYR B 79 -39.26 27.51 -18.27
C TYR B 79 -39.53 26.85 -16.94
N ALA B 80 -39.27 25.55 -16.86
CA ALA B 80 -39.51 24.80 -15.65
C ALA B 80 -38.47 23.71 -15.49
N CYS B 81 -38.37 23.14 -14.30
CA CYS B 81 -37.43 22.07 -14.03
C CYS B 81 -38.21 20.84 -13.59
N ARG B 82 -37.93 19.71 -14.24
CA ARG B 82 -38.60 18.48 -13.89
C ARG B 82 -37.60 17.59 -13.20
N VAL B 83 -38.02 17.02 -12.09
CA VAL B 83 -37.10 16.19 -11.34
C VAL B 83 -37.70 14.86 -10.95
N ASN B 84 -36.91 13.81 -11.09
CA ASN B 84 -37.36 12.48 -10.73
C ASN B 84 -36.33 11.80 -9.84
N HIS B 85 -36.82 11.02 -8.88
CA HIS B 85 -35.94 10.32 -7.95
C HIS B 85 -36.76 9.17 -7.37
N VAL B 86 -36.07 8.22 -6.74
CA VAL B 86 -36.75 7.08 -6.16
C VAL B 86 -37.65 7.57 -5.03
N THR B 87 -37.16 8.55 -4.29
CA THR B 87 -37.90 9.09 -3.16
C THR B 87 -39.24 9.74 -3.51
N LEU B 88 -39.44 10.10 -4.78
CA LEU B 88 -40.68 10.73 -5.19
C LEU B 88 -41.68 9.80 -5.87
N SER B 89 -42.96 10.08 -5.63
CA SER B 89 -44.04 9.30 -6.21
C SER B 89 -44.12 9.54 -7.70
N GLN B 90 -43.86 10.77 -8.13
CA GLN B 90 -43.90 11.14 -9.55
C GLN B 90 -43.11 12.43 -9.80
N PRO B 91 -42.62 12.63 -11.02
CA PRO B 91 -41.84 13.83 -11.36
C PRO B 91 -42.40 15.14 -10.84
N LYS B 92 -41.62 15.83 -10.00
CA LYS B 92 -42.02 17.11 -9.42
C LYS B 92 -41.48 18.26 -10.28
N ILE B 93 -42.36 18.90 -11.05
CA ILE B 93 -41.97 20.01 -11.90
C ILE B 93 -41.99 21.30 -11.11
N VAL B 94 -41.06 22.21 -11.42
CA VAL B 94 -40.99 23.48 -10.70
C VAL B 94 -40.75 24.63 -11.65
N LYS B 95 -41.77 25.48 -11.78
CA LYS B 95 -41.75 26.63 -12.67
C LYS B 95 -40.64 27.64 -12.36
N TRP B 96 -40.38 28.53 -13.31
CA TRP B 96 -39.34 29.53 -13.14
C TRP B 96 -39.87 30.95 -12.99
N ASP B 97 -39.78 31.47 -11.77
CA ASP B 97 -40.22 32.81 -11.48
C ASP B 97 -38.97 33.67 -11.36
N ARG B 98 -38.62 34.38 -12.43
CA ARG B 98 -37.42 35.23 -12.42
C ARG B 98 -37.33 36.22 -11.26
N ASP B 99 -38.39 36.30 -10.45
CA ASP B 99 -38.40 37.19 -9.30
C ASP B 99 -37.87 36.45 -8.07
N MET B 100 -37.76 35.13 -8.19
CA MET B 100 -37.26 34.28 -7.10
C MET B 100 -36.04 33.48 -7.53
N GLY C 1 -3.50 17.85 -5.02
CA GLY C 1 -3.02 16.47 -4.80
C GLY C 1 -4.01 15.59 -4.08
N ALA C 2 -4.39 14.49 -4.70
CA ALA C 2 -5.32 13.55 -4.10
C ALA C 2 -4.56 12.50 -3.31
N VAL C 3 -5.19 12.00 -2.27
CA VAL C 3 -4.61 10.99 -1.43
C VAL C 3 -4.21 9.88 -2.35
N ASP C 4 -3.23 9.08 -1.94
CA ASP C 4 -2.81 7.92 -2.71
C ASP C 4 -3.75 6.80 -2.31
N PRO C 5 -4.36 6.13 -3.29
CA PRO C 5 -5.27 5.03 -2.91
C PRO C 5 -4.46 3.94 -2.22
N LEU C 6 -4.99 3.40 -1.12
CA LEU C 6 -4.31 2.36 -0.37
C LEU C 6 -5.02 1.01 -0.56
N LEU C 7 -5.47 0.41 0.55
CA LEU C 7 -6.16 -0.88 0.50
C LEU C 7 -7.66 -0.71 0.35
N ALA C 8 -8.30 -1.78 -0.08
CA ALA C 8 -9.73 -1.81 -0.30
C ALA C 8 -10.41 -1.78 1.05
N LEU C 9 -11.57 -1.15 1.07
CA LEU C 9 -12.35 -1.02 2.28
C LEU C 9 -12.73 -2.40 2.81
N VAL D 4 -12.90 -31.60 -27.83
CA VAL D 4 -12.19 -31.33 -26.54
C VAL D 4 -10.75 -31.82 -26.62
N HIS D 5 -9.79 -30.91 -26.52
CA HIS D 5 -8.41 -31.32 -26.58
C HIS D 5 -7.78 -31.44 -25.21
N ARG D 6 -6.56 -31.95 -25.19
CA ARG D 6 -5.81 -32.11 -23.97
C ARG D 6 -5.65 -30.74 -23.30
N LYS D 7 -5.59 -30.73 -21.98
CA LYS D 7 -5.43 -29.48 -21.25
C LYS D 7 -4.02 -28.96 -21.45
N PRO D 8 -3.86 -27.64 -21.56
CA PRO D 8 -2.53 -27.06 -21.75
C PRO D 8 -1.86 -26.98 -20.39
N SER D 9 -0.61 -26.52 -20.36
CA SER D 9 0.12 -26.39 -19.10
C SER D 9 0.16 -24.91 -18.73
N LEU D 10 -0.05 -24.60 -17.45
CA LEU D 10 -0.09 -23.23 -16.95
C LEU D 10 0.87 -22.95 -15.80
N LEU D 11 1.80 -22.02 -16.01
CA LEU D 11 2.75 -21.68 -14.96
C LEU D 11 2.95 -20.18 -14.86
N ALA D 12 3.40 -19.74 -13.69
CA ALA D 12 3.61 -18.33 -13.45
C ALA D 12 5.07 -17.99 -13.16
N HIS D 13 5.58 -16.93 -13.79
CA HIS D 13 6.94 -16.50 -13.55
C HIS D 13 6.92 -15.06 -13.11
N PRO D 14 7.67 -14.72 -12.06
CA PRO D 14 8.54 -15.59 -11.28
C PRO D 14 7.83 -16.68 -10.50
N GLY D 15 6.66 -16.37 -9.97
CA GLY D 15 5.92 -17.36 -9.19
C GLY D 15 4.49 -17.02 -8.84
N ARG D 16 3.87 -17.92 -8.08
CA ARG D 16 2.47 -17.82 -7.63
C ARG D 16 2.14 -16.60 -6.76
N LEU D 17 2.98 -16.31 -5.77
CA LEU D 17 2.78 -15.16 -4.88
C LEU D 17 3.32 -13.89 -5.52
N VAL D 18 2.43 -12.95 -5.75
CA VAL D 18 2.79 -11.70 -6.40
C VAL D 18 2.71 -10.56 -5.39
N LYS D 19 3.80 -9.82 -5.25
CA LYS D 19 3.84 -8.70 -4.32
C LYS D 19 3.02 -7.56 -4.86
N SER D 20 2.28 -6.90 -3.97
CA SER D 20 1.43 -5.78 -4.36
C SER D 20 2.16 -4.87 -5.31
N GLU D 21 1.41 -4.26 -6.23
CA GLU D 21 2.01 -3.35 -7.20
C GLU D 21 2.75 -4.15 -8.29
N GLU D 22 3.64 -5.04 -7.84
CA GLU D 22 4.45 -5.87 -8.74
C GLU D 22 3.64 -6.62 -9.79
N THR D 23 4.30 -7.06 -10.85
CA THR D 23 3.63 -7.79 -11.93
C THR D 23 4.06 -9.26 -12.06
N VAL D 24 3.19 -10.07 -12.66
CA VAL D 24 3.48 -11.49 -12.87
C VAL D 24 2.99 -11.93 -14.22
N ILE D 25 3.58 -13.01 -14.71
CA ILE D 25 3.24 -13.57 -16.01
C ILE D 25 2.80 -15.03 -15.94
N LEU D 26 1.59 -15.30 -16.40
CA LEU D 26 1.09 -16.65 -16.42
C LEU D 26 1.17 -17.05 -17.88
N GLN D 27 1.92 -18.10 -18.15
CA GLN D 27 2.09 -18.56 -19.51
C GLN D 27 1.30 -19.83 -19.74
N CYS D 28 0.61 -19.88 -20.87
CA CYS D 28 -0.19 -21.02 -21.22
C CYS D 28 0.41 -21.60 -22.49
N TRP D 29 0.71 -22.89 -22.47
CA TRP D 29 1.33 -23.53 -23.63
C TRP D 29 1.01 -25.02 -23.75
N SER D 30 1.15 -25.55 -24.96
CA SER D 30 0.91 -26.95 -25.26
C SER D 30 1.56 -27.31 -26.61
N ASP D 31 1.77 -28.61 -26.84
CA ASP D 31 2.34 -29.01 -28.10
C ASP D 31 1.25 -28.88 -29.12
N VAL D 32 0.02 -28.76 -28.64
CA VAL D 32 -1.10 -28.62 -29.54
C VAL D 32 -1.11 -27.21 -30.07
N ARG D 33 -1.28 -27.09 -31.38
CA ARG D 33 -1.27 -25.81 -32.03
C ARG D 33 -2.52 -24.96 -31.87
N PHE D 34 -2.87 -24.65 -30.63
CA PHE D 34 -4.05 -23.82 -30.37
C PHE D 34 -3.90 -22.46 -31.00
N GLU D 35 -4.95 -21.97 -31.65
CA GLU D 35 -4.92 -20.66 -32.28
C GLU D 35 -5.10 -19.55 -31.25
N HIS D 36 -5.78 -19.87 -30.16
CA HIS D 36 -6.05 -18.91 -29.12
C HIS D 36 -5.99 -19.57 -27.76
N PHE D 37 -5.71 -18.75 -26.76
CA PHE D 37 -5.63 -19.20 -25.41
C PHE D 37 -6.54 -18.31 -24.58
N LEU D 38 -7.33 -18.93 -23.70
CA LEU D 38 -8.22 -18.19 -22.82
C LEU D 38 -7.80 -18.43 -21.41
N LEU D 39 -7.55 -17.33 -20.69
CA LEU D 39 -7.14 -17.41 -19.30
C LEU D 39 -8.32 -16.94 -18.50
N HIS D 40 -8.72 -17.73 -17.52
CA HIS D 40 -9.88 -17.35 -16.73
C HIS D 40 -9.68 -17.50 -15.23
N ARG D 41 -9.98 -16.45 -14.49
CA ARG D 41 -9.85 -16.54 -13.05
C ARG D 41 -11.24 -16.42 -12.47
N GLU D 42 -11.52 -17.22 -11.45
CA GLU D 42 -12.81 -17.23 -10.78
C GLU D 42 -12.70 -16.71 -9.36
N GLY D 43 -13.81 -16.23 -8.82
CA GLY D 43 -13.81 -15.74 -7.46
C GLY D 43 -14.41 -14.36 -7.26
N LYS D 44 -13.77 -13.58 -6.41
CA LYS D 44 -14.23 -12.24 -6.11
C LYS D 44 -14.69 -11.54 -7.38
N PHE D 45 -13.80 -11.44 -8.34
CA PHE D 45 -14.06 -10.80 -9.62
C PHE D 45 -13.60 -11.65 -10.78
N LYS D 46 -14.42 -12.60 -11.18
CA LYS D 46 -14.11 -13.49 -12.27
C LYS D 46 -13.81 -12.68 -13.52
N ASP D 47 -13.09 -13.28 -14.46
CA ASP D 47 -12.72 -12.60 -15.68
C ASP D 47 -12.08 -13.61 -16.64
N THR D 48 -12.03 -13.26 -17.91
CA THR D 48 -11.44 -14.12 -18.92
C THR D 48 -10.65 -13.28 -19.90
N LEU D 49 -9.38 -13.63 -20.07
CA LEU D 49 -8.52 -12.89 -20.97
C LEU D 49 -8.21 -13.68 -22.24
N HIS D 50 -8.40 -13.05 -23.38
CA HIS D 50 -8.14 -13.68 -24.67
C HIS D 50 -6.71 -13.39 -25.09
N LEU D 51 -6.17 -14.21 -25.98
CA LEU D 51 -4.80 -14.02 -26.44
C LEU D 51 -4.47 -15.00 -27.56
N ILE D 52 -3.84 -14.48 -28.61
CA ILE D 52 -3.45 -15.28 -29.75
C ILE D 52 -2.25 -16.12 -29.37
N GLY D 53 -2.23 -17.37 -29.82
CA GLY D 53 -1.13 -18.26 -29.53
C GLY D 53 0.14 -17.93 -30.31
N GLU D 54 1.27 -18.19 -29.68
CA GLU D 54 2.58 -17.94 -30.28
C GLU D 54 3.18 -19.27 -30.64
N HIS D 55 3.25 -19.55 -31.93
CA HIS D 55 3.85 -20.82 -32.36
C HIS D 55 5.27 -20.56 -32.74
N HIS D 56 6.19 -21.12 -31.98
CA HIS D 56 7.61 -20.97 -32.24
C HIS D 56 8.38 -21.64 -31.13
N ASP D 57 9.48 -22.28 -31.50
CA ASP D 57 10.35 -22.96 -30.56
C ASP D 57 9.72 -24.24 -30.04
N GLY D 58 9.07 -24.96 -30.95
CA GLY D 58 8.43 -26.22 -30.61
C GLY D 58 7.27 -26.11 -29.66
N VAL D 59 6.80 -24.89 -29.43
CA VAL D 59 5.69 -24.69 -28.51
C VAL D 59 4.69 -23.64 -28.94
N SER D 60 3.41 -23.93 -28.64
CA SER D 60 2.30 -23.06 -28.92
C SER D 60 2.04 -22.46 -27.55
N LYS D 61 2.43 -21.21 -27.35
CA LYS D 61 2.27 -20.59 -26.06
C LYS D 61 1.53 -19.29 -26.19
N ALA D 62 1.45 -18.58 -25.06
CA ALA D 62 0.79 -17.30 -24.96
C ALA D 62 1.08 -16.83 -23.55
N ASN D 63 1.71 -15.67 -23.41
CA ASN D 63 2.05 -15.15 -22.09
C ASN D 63 1.15 -14.04 -21.67
N PHE D 64 0.34 -14.37 -20.67
CA PHE D 64 -0.62 -13.48 -20.08
C PHE D 64 0.05 -12.62 -19.03
N SER D 65 -0.05 -11.31 -19.20
CA SER D 65 0.56 -10.42 -18.24
C SER D 65 -0.50 -9.94 -17.26
N ILE D 66 -0.39 -10.39 -16.03
CA ILE D 66 -1.33 -9.98 -15.01
C ILE D 66 -0.82 -8.65 -14.47
N GLY D 67 -1.43 -7.58 -14.98
CA GLY D 67 -1.08 -6.21 -14.63
C GLY D 67 -0.62 -5.94 -13.22
N PRO D 68 -0.15 -4.71 -12.92
CA PRO D 68 0.31 -4.36 -11.57
C PRO D 68 -0.59 -4.91 -10.48
N MET D 69 -0.09 -5.96 -9.86
CA MET D 69 -0.80 -6.71 -8.84
C MET D 69 -1.59 -5.93 -7.79
N MET D 70 -2.81 -6.41 -7.55
CA MET D 70 -3.67 -5.83 -6.53
C MET D 70 -5.00 -6.54 -6.35
N GLN D 71 -5.55 -6.38 -5.15
CA GLN D 71 -6.82 -6.94 -4.71
C GLN D 71 -7.56 -7.82 -5.69
N ASP D 72 -8.13 -7.18 -6.72
CA ASP D 72 -8.93 -7.89 -7.72
C ASP D 72 -8.23 -8.97 -8.50
N LEU D 73 -7.00 -8.71 -8.94
CA LEU D 73 -6.28 -9.68 -9.73
C LEU D 73 -6.02 -11.02 -9.08
N ALA D 74 -5.93 -11.07 -7.75
CA ALA D 74 -5.67 -12.31 -7.03
C ALA D 74 -6.80 -13.29 -7.14
N GLY D 75 -6.45 -14.57 -7.17
CA GLY D 75 -7.49 -15.58 -7.27
C GLY D 75 -7.02 -16.83 -7.97
N THR D 76 -7.97 -17.64 -8.41
CA THR D 76 -7.64 -18.88 -9.09
C THR D 76 -7.80 -18.84 -10.60
N TYR D 77 -6.69 -19.08 -11.31
CA TYR D 77 -6.67 -19.04 -12.77
C TYR D 77 -6.58 -20.41 -13.42
N ARG D 78 -7.12 -20.50 -14.64
CA ARG D 78 -7.11 -21.72 -15.45
C ARG D 78 -7.21 -21.26 -16.90
N CYS D 79 -6.46 -21.90 -17.79
CA CYS D 79 -6.51 -21.53 -19.19
C CYS D 79 -6.91 -22.69 -20.07
N TYR D 80 -7.30 -22.34 -21.29
CA TYR D 80 -7.74 -23.30 -22.27
C TYR D 80 -7.26 -22.75 -23.58
N GLY D 81 -7.22 -23.61 -24.58
CA GLY D 81 -6.81 -23.18 -25.90
C GLY D 81 -7.93 -23.59 -26.83
N SER D 82 -7.85 -23.21 -28.10
CA SER D 82 -8.89 -23.60 -29.03
C SER D 82 -8.33 -23.51 -30.42
N VAL D 83 -8.66 -24.48 -31.25
CA VAL D 83 -8.22 -24.49 -32.63
C VAL D 83 -9.03 -23.44 -33.37
N THR D 84 -10.33 -23.41 -33.07
CA THR D 84 -11.28 -22.50 -33.69
C THR D 84 -11.18 -21.06 -33.19
N HIS D 85 -11.61 -20.10 -33.99
CA HIS D 85 -11.60 -18.71 -33.56
C HIS D 85 -13.02 -18.36 -33.10
N SER D 86 -13.46 -17.13 -33.35
CA SER D 86 -14.79 -16.66 -32.97
C SER D 86 -15.54 -17.49 -31.93
N PRO D 87 -16.11 -18.67 -32.30
CA PRO D 87 -16.82 -19.44 -31.27
C PRO D 87 -15.94 -19.98 -30.14
N TYR D 88 -14.75 -20.47 -30.49
CA TYR D 88 -13.82 -21.03 -29.51
C TYR D 88 -14.24 -22.44 -29.14
N GLN D 89 -13.39 -23.41 -29.47
CA GLN D 89 -13.64 -24.81 -29.19
C GLN D 89 -12.74 -25.15 -27.99
N LEU D 90 -13.03 -24.54 -26.85
CA LEU D 90 -12.28 -24.71 -25.61
C LEU D 90 -11.84 -26.14 -25.28
N SER D 91 -10.61 -26.27 -24.80
CA SER D 91 -10.00 -27.55 -24.42
C SER D 91 -10.29 -27.84 -22.98
N ALA D 92 -9.73 -28.92 -22.43
CA ALA D 92 -9.96 -29.21 -21.04
C ALA D 92 -9.23 -28.13 -20.29
N PRO D 93 -9.65 -27.84 -19.06
CA PRO D 93 -9.04 -26.82 -18.21
C PRO D 93 -7.62 -27.14 -17.74
N SER D 94 -6.72 -26.16 -17.80
CA SER D 94 -5.36 -26.37 -17.33
C SER D 94 -5.46 -26.58 -15.84
N ASP D 95 -4.40 -27.07 -15.21
CA ASP D 95 -4.48 -27.26 -13.79
C ASP D 95 -4.72 -25.93 -13.10
N PRO D 96 -5.23 -25.96 -11.88
CA PRO D 96 -5.54 -24.78 -11.06
C PRO D 96 -4.30 -24.05 -10.62
N LEU D 97 -4.35 -22.73 -10.66
CA LEU D 97 -3.21 -21.95 -10.21
C LEU D 97 -3.73 -20.80 -9.33
N ASP D 98 -3.47 -20.92 -8.03
CA ASP D 98 -3.89 -19.94 -7.06
C ASP D 98 -2.92 -18.77 -7.00
N ILE D 99 -3.26 -17.66 -7.66
CA ILE D 99 -2.39 -16.49 -7.65
C ILE D 99 -2.74 -15.60 -6.48
N VAL D 100 -1.90 -15.63 -5.46
CA VAL D 100 -2.07 -14.85 -4.25
C VAL D 100 -1.31 -13.55 -4.31
N ILE D 101 -1.88 -12.49 -3.76
CA ILE D 101 -1.21 -11.19 -3.73
C ILE D 101 -0.67 -10.99 -2.32
N THR D 102 0.61 -10.67 -2.19
CA THR D 102 1.20 -10.52 -0.87
C THR D 102 1.66 -9.12 -0.49
N GLY D 103 1.98 -8.93 0.80
CA GLY D 103 2.46 -7.67 1.31
C GLY D 103 1.48 -6.55 1.59
N LEU D 104 0.29 -6.88 2.05
CA LEU D 104 -0.72 -5.87 2.32
C LEU D 104 -0.95 -5.71 3.79
N TYR D 105 -0.20 -6.44 4.61
CA TYR D 105 -0.41 -6.36 6.04
C TYR D 105 0.87 -6.61 6.82
N GLU D 106 0.88 -6.15 8.06
CA GLU D 106 2.01 -6.30 8.97
C GLU D 106 2.66 -7.68 8.89
N LYS D 107 3.99 -7.70 8.98
CA LYS D 107 4.72 -8.96 8.94
C LYS D 107 4.37 -9.79 10.16
N PRO D 108 4.27 -11.10 9.99
CA PRO D 108 3.97 -11.94 11.17
C PRO D 108 5.32 -12.35 11.74
N SER D 109 5.30 -13.00 12.90
CA SER D 109 6.55 -13.47 13.49
C SER D 109 6.53 -14.99 13.35
N LEU D 110 7.64 -15.56 12.89
CA LEU D 110 7.71 -17.00 12.69
C LEU D 110 8.74 -17.59 13.65
N SER D 111 8.32 -18.58 14.43
CA SER D 111 9.22 -19.22 15.40
C SER D 111 9.19 -20.73 15.30
N ALA D 112 10.24 -21.37 15.82
CA ALA D 112 10.35 -22.81 15.76
C ALA D 112 10.60 -23.38 17.13
N GLN D 113 9.59 -24.02 17.69
CA GLN D 113 9.71 -24.64 18.99
C GLN D 113 9.95 -26.12 18.67
N PRO D 114 10.88 -26.78 19.37
CA PRO D 114 11.75 -26.29 20.44
C PRO D 114 12.76 -25.25 20.02
N GLY D 115 13.15 -25.25 18.76
CA GLY D 115 14.14 -24.29 18.30
C GLY D 115 14.48 -24.42 16.83
N PRO D 116 15.11 -23.41 16.24
CA PRO D 116 15.50 -23.38 14.83
C PRO D 116 16.41 -24.55 14.45
N THR D 117 17.15 -25.04 15.43
CA THR D 117 18.08 -26.15 15.21
C THR D 117 17.67 -27.35 16.05
N VAL D 118 17.59 -28.51 15.42
CA VAL D 118 17.23 -29.74 16.15
C VAL D 118 17.89 -30.99 15.59
N LEU D 119 18.02 -31.99 16.46
CA LEU D 119 18.60 -33.27 16.07
C LEU D 119 17.57 -34.00 15.23
N ALA D 120 18.05 -34.76 14.25
CA ALA D 120 17.14 -35.48 13.35
C ALA D 120 16.08 -36.24 14.12
N GLY D 121 15.04 -36.64 13.40
CA GLY D 121 13.96 -37.40 14.01
C GLY D 121 13.06 -36.63 14.97
N GLU D 122 13.66 -35.73 15.76
CA GLU D 122 12.92 -34.94 16.75
C GLU D 122 11.78 -34.13 16.14
N SER D 123 10.74 -33.90 16.93
CA SER D 123 9.60 -33.15 16.42
C SER D 123 9.76 -31.64 16.52
N VAL D 124 9.45 -31.00 15.41
CA VAL D 124 9.55 -29.56 15.29
C VAL D 124 8.21 -29.02 14.84
N THR D 125 7.92 -27.80 15.24
CA THR D 125 6.69 -27.14 14.84
C THR D 125 6.91 -25.64 14.80
N LEU D 126 6.47 -25.03 13.72
CA LEU D 126 6.61 -23.61 13.56
C LEU D 126 5.31 -22.97 13.95
N SER D 127 5.36 -21.70 14.27
CA SER D 127 4.16 -21.00 14.65
C SER D 127 4.29 -19.52 14.33
N CYS D 128 3.22 -18.97 13.77
CA CYS D 128 3.19 -17.57 13.41
C CYS D 128 2.24 -16.90 14.36
N SER D 129 2.66 -15.78 14.95
CA SER D 129 1.81 -15.03 15.86
C SER D 129 1.82 -13.62 15.32
N SER D 130 0.89 -12.80 15.79
CA SER D 130 0.82 -11.40 15.34
C SER D 130 -0.15 -10.62 16.20
N ARG D 131 0.11 -9.33 16.36
CA ARG D 131 -0.81 -8.53 17.15
C ARG D 131 -2.03 -8.31 16.26
N SER D 132 -1.83 -8.31 14.95
CA SER D 132 -2.95 -8.15 14.03
C SER D 132 -3.82 -9.41 14.17
N SER D 133 -5.10 -9.28 13.88
CA SER D 133 -6.06 -10.37 14.03
C SER D 133 -6.29 -11.28 12.84
N TYR D 134 -5.23 -11.73 12.18
CA TYR D 134 -5.40 -12.59 11.03
C TYR D 134 -6.23 -13.80 11.45
N ASP D 135 -7.06 -14.32 10.56
CA ASP D 135 -7.90 -15.47 10.88
C ASP D 135 -7.23 -16.79 10.48
N MET D 136 -6.32 -16.69 9.52
CA MET D 136 -5.59 -17.84 9.01
C MET D 136 -4.13 -17.47 8.76
N TYR D 137 -3.26 -18.46 8.82
CA TYR D 137 -1.86 -18.25 8.56
C TYR D 137 -1.41 -19.22 7.48
N HIS D 138 -0.39 -18.84 6.72
CA HIS D 138 0.10 -19.70 5.67
C HIS D 138 1.59 -19.92 5.86
N LEU D 139 2.01 -21.17 5.68
CA LEU D 139 3.41 -21.53 5.83
C LEU D 139 3.96 -22.09 4.53
N SER D 140 5.01 -21.45 4.02
CA SER D 140 5.66 -21.88 2.79
C SER D 140 7.08 -22.30 3.06
N ARG D 141 7.53 -23.35 2.38
CA ARG D 141 8.90 -23.82 2.51
C ARG D 141 9.61 -23.51 1.19
N GLU D 142 10.60 -22.63 1.22
CA GLU D 142 11.35 -22.25 0.02
C GLU D 142 10.72 -22.67 -1.32
N GLY D 143 11.34 -23.63 -1.99
CA GLY D 143 10.85 -24.10 -3.28
C GLY D 143 9.87 -25.26 -3.25
N GLU D 144 8.80 -25.11 -2.48
CA GLU D 144 7.74 -26.12 -2.36
C GLU D 144 6.45 -25.60 -2.96
N ALA D 145 5.92 -26.37 -3.91
CA ALA D 145 4.69 -26.04 -4.61
C ALA D 145 3.55 -25.57 -3.71
N HIS D 146 2.99 -26.46 -2.90
CA HIS D 146 1.89 -26.06 -2.03
C HIS D 146 2.25 -25.53 -0.65
N GLU D 147 1.41 -24.61 -0.20
CA GLU D 147 1.56 -23.95 1.07
C GLU D 147 0.53 -24.51 2.04
N CYS D 148 0.93 -24.62 3.30
CA CYS D 148 0.06 -25.14 4.34
C CYS D 148 -0.83 -24.00 4.79
N ARG D 149 -1.88 -24.30 5.54
CA ARG D 149 -2.79 -23.26 6.01
C ARG D 149 -3.66 -23.72 7.17
N PHE D 150 -3.42 -23.16 8.35
CA PHE D 150 -4.19 -23.49 9.55
C PHE D 150 -4.97 -22.23 9.98
N SER D 151 -5.98 -22.40 10.83
CA SER D 151 -6.77 -21.24 11.27
C SER D 151 -6.14 -20.59 12.48
N ALA D 152 -6.40 -19.31 12.66
CA ALA D 152 -5.84 -18.60 13.80
C ALA D 152 -6.49 -18.98 15.13
N GLY D 153 -5.78 -18.65 16.20
CA GLY D 153 -6.29 -18.90 17.53
C GLY D 153 -6.61 -17.54 18.13
N PRO D 154 -7.90 -17.17 18.26
CA PRO D 154 -8.41 -15.90 18.79
C PRO D 154 -7.62 -15.19 19.91
N LYS D 155 -8.08 -13.99 20.27
CA LYS D 155 -7.47 -13.14 21.29
C LYS D 155 -6.84 -13.90 22.46
N VAL D 156 -5.51 -13.99 22.48
CA VAL D 156 -4.82 -14.71 23.54
C VAL D 156 -3.68 -13.91 24.17
N ASN D 157 -4.01 -12.96 25.04
CA ASN D 157 -3.03 -12.13 25.76
C ASN D 157 -2.01 -11.42 24.89
N GLY D 158 -2.50 -10.61 23.95
CA GLY D 158 -1.62 -9.87 23.09
C GLY D 158 -1.57 -10.32 21.64
N THR D 159 -1.78 -11.61 21.37
CA THR D 159 -1.70 -12.08 19.99
C THR D 159 -2.79 -12.97 19.40
N PHE D 160 -2.44 -13.57 18.27
CA PHE D 160 -3.26 -14.49 17.46
C PHE D 160 -2.25 -15.45 16.86
N GLN D 161 -2.31 -16.71 17.25
CA GLN D 161 -1.36 -17.69 16.76
C GLN D 161 -1.86 -18.69 15.74
N ALA D 162 -1.02 -19.69 15.48
CA ALA D 162 -1.31 -20.78 14.56
C ALA D 162 -0.06 -21.64 14.53
N ASP D 163 -0.17 -22.86 15.02
CA ASP D 163 0.98 -23.76 15.07
C ASP D 163 0.95 -24.82 13.99
N PHE D 164 2.06 -24.90 13.25
CA PHE D 164 2.18 -25.85 12.18
C PHE D 164 3.04 -27.02 12.54
N PRO D 165 2.43 -28.14 12.94
CA PRO D 165 3.25 -29.30 13.29
C PRO D 165 3.96 -29.79 12.03
N LEU D 166 5.25 -30.12 12.15
CA LEU D 166 6.04 -30.60 11.03
C LEU D 166 6.49 -32.04 11.23
N GLY D 167 6.17 -32.58 12.40
CA GLY D 167 6.55 -33.95 12.70
C GLY D 167 8.04 -34.18 12.68
N PRO D 168 8.47 -35.45 12.79
CA PRO D 168 9.89 -35.81 12.79
C PRO D 168 10.70 -35.04 11.76
N ALA D 169 11.64 -34.25 12.27
CA ALA D 169 12.51 -33.44 11.43
C ALA D 169 13.51 -34.31 10.70
N THR D 170 13.59 -34.14 9.39
CA THR D 170 14.50 -34.92 8.56
C THR D 170 15.36 -34.02 7.68
N HIS D 171 14.71 -33.07 7.04
CA HIS D 171 15.38 -32.12 6.17
C HIS D 171 15.18 -30.72 6.69
N GLY D 172 16.25 -29.94 6.68
CA GLY D 172 16.14 -28.58 7.16
C GLY D 172 15.35 -27.77 6.15
N GLY D 173 15.28 -26.45 6.36
CA GLY D 173 14.56 -25.61 5.45
C GLY D 173 14.25 -24.22 5.96
N THR D 174 14.04 -23.31 5.02
CA THR D 174 13.68 -21.94 5.32
C THR D 174 12.18 -21.78 5.11
N TYR D 175 11.49 -21.29 6.13
CA TYR D 175 10.05 -21.10 6.02
C TYR D 175 9.66 -19.64 6.23
N ARG D 176 8.48 -19.29 5.74
CA ARG D 176 7.93 -17.94 5.87
C ARG D 176 6.42 -18.05 6.06
N CYS D 177 5.86 -17.20 6.91
CA CYS D 177 4.41 -17.19 7.18
C CYS D 177 3.73 -16.03 6.52
N PHE D 178 2.42 -16.16 6.40
CA PHE D 178 1.59 -15.10 5.87
C PHE D 178 0.27 -15.18 6.60
N GLY D 179 -0.37 -14.03 6.74
CA GLY D 179 -1.65 -13.99 7.41
C GLY D 179 -2.64 -13.42 6.44
N SER D 180 -3.93 -13.74 6.64
CA SER D 180 -5.00 -13.27 5.78
C SER D 180 -6.29 -13.16 6.56
N PHE D 181 -7.35 -12.78 5.88
CA PHE D 181 -8.67 -12.62 6.48
C PHE D 181 -9.67 -13.47 5.71
N ARG D 182 -10.66 -14.02 6.40
CA ARG D 182 -11.65 -14.87 5.76
C ARG D 182 -12.23 -14.38 4.43
N ASP D 183 -12.97 -13.28 4.49
CA ASP D 183 -13.61 -12.70 3.32
C ASP D 183 -12.73 -12.59 2.08
N SER D 184 -11.46 -12.27 2.26
CA SER D 184 -10.53 -12.12 1.15
C SER D 184 -9.31 -13.05 1.30
N PRO D 185 -9.48 -14.33 0.93
CA PRO D 185 -8.47 -15.39 0.99
C PRO D 185 -7.28 -15.29 0.04
N TYR D 186 -7.29 -14.38 -0.92
CA TYR D 186 -6.15 -14.28 -1.80
C TYR D 186 -5.36 -13.02 -1.50
N GLU D 187 -5.66 -12.43 -0.35
CA GLU D 187 -4.98 -11.24 0.09
C GLU D 187 -4.19 -11.62 1.33
N TRP D 188 -2.87 -11.62 1.18
CA TRP D 188 -1.94 -11.98 2.24
C TRP D 188 -1.09 -10.81 2.72
N SER D 189 -0.54 -10.99 3.91
CA SER D 189 0.31 -10.01 4.56
C SER D 189 1.71 -10.06 3.97
N ASN D 190 2.63 -9.39 4.64
CA ASN D 190 4.01 -9.39 4.22
C ASN D 190 4.61 -10.71 4.70
N SER D 191 5.62 -11.23 4.02
CA SER D 191 6.22 -12.47 4.47
C SER D 191 6.98 -12.27 5.77
N SER D 192 6.90 -13.28 6.63
CA SER D 192 7.59 -13.24 7.90
C SER D 192 9.06 -13.39 7.55
N ASP D 193 9.95 -12.86 8.37
CA ASP D 193 11.34 -12.99 8.06
C ASP D 193 11.55 -14.49 7.86
N PRO D 194 12.32 -14.87 6.85
CA PRO D 194 12.54 -16.29 6.63
C PRO D 194 13.14 -16.95 7.86
N LEU D 195 12.71 -18.16 8.16
CA LEU D 195 13.25 -18.89 9.29
C LEU D 195 13.95 -20.11 8.76
N LEU D 196 15.20 -20.29 9.17
CA LEU D 196 15.94 -21.43 8.73
C LEU D 196 15.88 -22.50 9.81
N VAL D 197 15.38 -23.66 9.43
CA VAL D 197 15.28 -24.82 10.33
C VAL D 197 16.47 -25.70 9.99
N SER D 198 17.25 -26.08 10.99
CA SER D 198 18.41 -26.94 10.74
C SER D 198 18.36 -28.24 11.54
N VAL D 199 18.59 -29.36 10.85
CA VAL D 199 18.59 -30.68 11.50
C VAL D 199 20.00 -31.21 11.64
N ILE D 200 20.31 -31.65 12.85
CA ILE D 200 21.63 -32.15 13.19
C ILE D 200 21.72 -33.67 13.15
N VAL E 4 15.23 -21.76 23.88
CA VAL E 4 16.51 -21.49 23.17
C VAL E 4 17.47 -20.78 24.11
N HIS E 5 18.52 -21.47 24.52
CA HIS E 5 19.51 -20.89 25.42
C HIS E 5 20.57 -20.12 24.67
N ARG E 6 21.39 -19.41 25.42
CA ARG E 6 22.48 -18.64 24.83
C ARG E 6 23.42 -19.67 24.21
N LYS E 7 24.19 -19.25 23.21
CA LYS E 7 25.12 -20.15 22.54
C LYS E 7 26.35 -20.40 23.42
N PRO E 8 26.86 -21.65 23.43
CA PRO E 8 28.04 -22.00 24.22
C PRO E 8 29.32 -21.55 23.49
N SER E 9 30.46 -21.69 24.14
CA SER E 9 31.73 -21.29 23.55
C SER E 9 32.47 -22.51 23.01
N LEU E 10 33.08 -22.38 21.84
CA LEU E 10 33.80 -23.49 21.22
C LEU E 10 35.20 -23.13 20.80
N LEU E 11 36.16 -23.91 21.29
CA LEU E 11 37.56 -23.71 20.96
C LEU E 11 38.27 -25.03 20.81
N ALA E 12 39.36 -25.03 20.05
CA ALA E 12 40.12 -26.24 19.83
C ALA E 12 41.52 -26.11 20.40
N HIS E 13 42.02 -27.20 20.98
CA HIS E 13 43.36 -27.21 21.56
C HIS E 13 44.07 -28.41 20.97
N PRO E 14 45.30 -28.22 20.50
CA PRO E 14 46.09 -26.98 20.48
C PRO E 14 45.48 -25.87 19.65
N GLY E 15 44.99 -26.21 18.45
CA GLY E 15 44.40 -25.21 17.59
C GLY E 15 43.57 -25.68 16.41
N ARG E 16 43.14 -24.71 15.62
CA ARG E 16 42.32 -24.93 14.43
C ARG E 16 42.91 -25.85 13.37
N LEU E 17 44.17 -25.61 12.99
CA LEU E 17 44.85 -26.44 11.99
C LEU E 17 45.39 -27.72 12.61
N VAL E 18 44.94 -28.87 12.11
CA VAL E 18 45.43 -30.14 12.64
C VAL E 18 46.22 -30.91 11.60
N LYS E 19 47.43 -31.32 12.00
CA LYS E 19 48.31 -32.07 11.13
C LYS E 19 47.76 -33.48 10.92
N SER E 20 47.80 -33.94 9.68
CA SER E 20 47.29 -35.27 9.35
C SER E 20 47.73 -36.27 10.40
N GLU E 21 46.90 -37.28 10.63
CA GLU E 21 47.20 -38.32 11.62
C GLU E 21 47.04 -37.80 13.05
N GLU E 22 47.67 -36.65 13.35
CA GLU E 22 47.62 -36.00 14.67
C GLU E 22 46.17 -35.83 15.13
N THR E 23 45.96 -35.64 16.43
CA THR E 23 44.60 -35.45 16.92
C THR E 23 44.38 -34.04 17.55
N VAL E 24 43.12 -33.64 17.69
CA VAL E 24 42.78 -32.34 18.27
C VAL E 24 41.55 -32.47 19.13
N ILE E 25 41.36 -31.52 20.03
CA ILE E 25 40.20 -31.52 20.88
C ILE E 25 39.42 -30.22 20.82
N LEU E 26 38.13 -30.36 20.58
CA LEU E 26 37.25 -29.21 20.52
C LEU E 26 36.47 -29.30 21.82
N GLN E 27 36.45 -28.21 22.56
CA GLN E 27 35.76 -28.18 23.83
C GLN E 27 34.58 -27.23 23.81
N CYS E 28 33.44 -27.70 24.31
CA CYS E 28 32.24 -26.90 24.37
C CYS E 28 31.88 -26.67 25.81
N TRP E 29 31.73 -25.39 26.15
CA TRP E 29 31.41 -25.00 27.51
C TRP E 29 30.57 -23.74 27.60
N SER E 30 29.94 -23.57 28.75
CA SER E 30 29.13 -22.41 29.06
C SER E 30 28.78 -22.41 30.54
N ASP E 31 28.36 -21.26 31.03
CA ASP E 31 27.97 -21.09 32.41
C ASP E 31 26.70 -21.87 32.61
N VAL E 32 25.92 -21.96 31.55
CA VAL E 32 24.67 -22.68 31.60
C VAL E 32 24.92 -24.16 31.82
N ARG E 33 24.12 -24.73 32.72
CA ARG E 33 24.23 -26.13 33.11
C ARG E 33 23.60 -27.09 32.08
N PHE E 34 24.12 -27.08 30.85
CA PHE E 34 23.63 -27.97 29.79
C PHE E 34 23.97 -29.42 30.18
N GLU E 35 23.00 -30.33 30.13
CA GLU E 35 23.26 -31.72 30.48
C GLU E 35 23.96 -32.49 29.36
N HIS E 36 23.86 -31.94 28.16
CA HIS E 36 24.44 -32.56 26.97
C HIS E 36 25.00 -31.53 26.02
N PHE E 37 26.00 -31.94 25.25
CA PHE E 37 26.63 -31.10 24.25
C PHE E 37 26.62 -31.83 22.92
N LEU E 38 26.16 -31.16 21.87
CA LEU E 38 26.14 -31.78 20.56
C LEU E 38 27.09 -31.01 19.67
N LEU E 39 28.05 -31.72 19.09
CA LEU E 39 29.03 -31.13 18.19
C LEU E 39 28.66 -31.57 16.77
N HIS E 40 28.46 -30.59 15.89
CA HIS E 40 28.09 -30.88 14.52
C HIS E 40 29.04 -30.30 13.50
N ARG E 41 29.45 -31.13 12.56
CA ARG E 41 30.35 -30.74 11.48
C ARG E 41 29.48 -30.71 10.25
N GLU E 42 29.61 -29.68 9.43
CA GLU E 42 28.79 -29.59 8.24
C GLU E 42 29.66 -29.67 7.00
N GLY E 43 29.07 -30.20 5.93
CA GLY E 43 29.76 -30.35 4.67
C GLY E 43 29.36 -31.66 4.00
N LYS E 44 30.26 -32.22 3.20
CA LYS E 44 29.98 -33.48 2.53
C LYS E 44 29.88 -34.59 3.57
N PHE E 45 30.85 -34.65 4.47
CA PHE E 45 30.83 -35.67 5.51
C PHE E 45 30.29 -35.14 6.83
N LYS E 46 29.15 -34.48 6.76
CA LYS E 46 28.48 -33.90 7.92
C LYS E 46 28.35 -34.98 9.00
N ASP E 47 28.21 -34.54 10.25
CA ASP E 47 28.10 -35.48 11.36
C ASP E 47 27.78 -34.74 12.66
N THR E 48 27.39 -35.49 13.69
CA THR E 48 27.07 -34.92 14.98
C THR E 48 27.50 -35.84 16.11
N LEU E 49 28.34 -35.34 17.01
CA LEU E 49 28.82 -36.12 18.14
C LEU E 49 28.13 -35.72 19.43
N HIS E 50 27.56 -36.72 20.11
CA HIS E 50 26.87 -36.50 21.36
C HIS E 50 27.85 -36.62 22.50
N LEU E 51 27.52 -36.06 23.66
CA LEU E 51 28.43 -36.13 24.79
C LEU E 51 27.82 -35.49 26.03
N ILE E 52 27.96 -36.15 27.17
CA ILE E 52 27.42 -35.64 28.43
C ILE E 52 28.27 -34.47 28.91
N GLY E 53 27.65 -33.51 29.57
CA GLY E 53 28.39 -32.35 30.06
C GLY E 53 29.13 -32.60 31.35
N GLU E 54 30.28 -31.95 31.50
CA GLU E 54 31.12 -32.04 32.70
C GLU E 54 30.86 -30.81 33.56
N HIS E 55 30.07 -30.97 34.62
CA HIS E 55 29.76 -29.86 35.53
C HIS E 55 30.76 -29.79 36.66
N HIS E 56 31.09 -28.56 37.05
CA HIS E 56 32.01 -28.27 38.14
C HIS E 56 32.70 -26.95 37.92
N ASP E 57 33.00 -26.25 39.02
CA ASP E 57 33.67 -24.97 38.96
C ASP E 57 32.78 -23.98 38.22
N GLY E 58 31.47 -24.09 38.49
CA GLY E 58 30.46 -23.22 37.88
C GLY E 58 30.24 -23.34 36.38
N VAL E 59 31.09 -24.13 35.72
CA VAL E 59 31.00 -24.30 34.29
C VAL E 59 30.56 -25.70 33.93
N SER E 60 30.06 -25.82 32.70
CA SER E 60 29.62 -27.10 32.18
C SER E 60 30.39 -27.26 30.87
N LYS E 61 31.31 -28.22 30.84
CA LYS E 61 32.14 -28.45 29.67
C LYS E 61 31.90 -29.82 29.10
N ALA E 62 32.59 -30.10 28.00
CA ALA E 62 32.53 -31.39 27.31
C ALA E 62 33.65 -31.31 26.30
N ASN E 63 34.61 -32.23 26.40
CA ASN E 63 35.72 -32.23 25.47
C ASN E 63 35.54 -33.26 24.39
N PHE E 64 35.37 -32.77 23.18
CA PHE E 64 35.18 -33.63 22.04
C PHE E 64 36.53 -33.92 21.43
N SER E 65 36.84 -35.21 21.33
CA SER E 65 38.11 -35.61 20.75
C SER E 65 37.95 -36.01 19.30
N ILE E 66 38.46 -35.15 18.43
CA ILE E 66 38.40 -35.42 17.00
C ILE E 66 39.54 -36.40 16.71
N GLY E 67 39.18 -37.67 16.53
CA GLY E 67 40.12 -38.75 16.27
C GLY E 67 41.26 -38.49 15.30
N PRO E 68 42.12 -39.50 15.03
CA PRO E 68 43.27 -39.39 14.11
C PRO E 68 42.92 -38.58 12.87
N MET E 69 43.20 -37.28 12.90
CA MET E 69 42.84 -36.39 11.80
C MET E 69 43.10 -36.88 10.39
N MET E 70 42.14 -36.59 9.52
CA MET E 70 42.22 -36.93 8.12
C MET E 70 41.02 -36.42 7.32
N GLN E 71 41.24 -36.26 6.02
CA GLN E 71 40.23 -35.77 5.07
C GLN E 71 38.84 -35.51 5.61
N ASP E 72 38.12 -36.60 5.91
CA ASP E 72 36.76 -36.54 6.41
C ASP E 72 36.52 -35.64 7.61
N LEU E 73 37.34 -35.80 8.64
CA LEU E 73 37.18 -35.01 9.85
C LEU E 73 37.28 -33.50 9.69
N ALA E 74 38.08 -33.03 8.74
CA ALA E 74 38.23 -31.59 8.53
C ALA E 74 36.96 -30.91 8.01
N GLY E 75 36.70 -29.69 8.46
CA GLY E 75 35.50 -28.97 8.04
C GLY E 75 35.03 -27.94 9.06
N THR E 76 33.76 -27.52 8.98
CA THR E 76 33.22 -26.53 9.92
C THR E 76 32.36 -27.13 11.06
N TYR E 77 32.79 -26.90 12.29
CA TYR E 77 32.11 -27.40 13.47
C TYR E 77 31.35 -26.33 14.24
N ARG E 78 30.33 -26.76 14.97
CA ARG E 78 29.51 -25.88 15.80
C ARG E 78 28.86 -26.80 16.82
N CYS E 79 28.73 -26.38 18.08
CA CYS E 79 28.07 -27.21 19.06
C CYS E 79 26.95 -26.49 19.72
N TYR E 80 26.14 -27.26 20.41
CA TYR E 80 24.98 -26.76 21.10
C TYR E 80 24.90 -27.55 22.37
N GLY E 81 24.12 -27.05 23.32
CA GLY E 81 23.94 -27.76 24.56
C GLY E 81 22.45 -27.89 24.72
N SER E 82 22.02 -28.63 25.73
CA SER E 82 20.60 -28.76 25.97
C SER E 82 20.45 -29.24 27.39
N VAL E 83 19.48 -28.67 28.09
CA VAL E 83 19.28 -29.12 29.44
C VAL E 83 18.50 -30.43 29.38
N THR E 84 17.58 -30.55 28.43
CA THR E 84 16.76 -31.76 28.36
C THR E 84 17.39 -32.96 27.68
N HIS E 85 16.69 -34.08 27.86
CA HIS E 85 17.04 -35.39 27.34
C HIS E 85 16.15 -35.64 26.14
N SER E 86 15.92 -36.91 25.86
CA SER E 86 15.08 -37.37 24.76
C SER E 86 14.86 -36.38 23.61
N PRO E 87 13.99 -35.36 23.81
CA PRO E 87 13.79 -34.41 22.70
C PRO E 87 14.89 -33.37 22.51
N TYR E 88 15.80 -33.25 23.48
CA TYR E 88 16.89 -32.26 23.38
C TYR E 88 16.35 -30.87 23.09
N GLN E 89 16.76 -29.90 23.88
CA GLN E 89 16.30 -28.56 23.62
C GLN E 89 17.51 -27.75 23.19
N LEU E 90 18.01 -28.05 21.99
CA LEU E 90 19.17 -27.38 21.43
C LEU E 90 19.23 -25.88 21.67
N SER E 91 20.44 -25.41 21.95
CA SER E 91 20.72 -24.00 22.21
C SER E 91 21.07 -23.34 20.89
N ALA E 92 21.41 -22.06 20.95
CA ALA E 92 21.81 -21.37 19.74
C ALA E 92 23.18 -21.97 19.35
N PRO E 93 23.49 -21.98 18.05
CA PRO E 93 24.77 -22.54 17.61
C PRO E 93 26.01 -21.76 18.07
N SER E 94 27.01 -22.48 18.53
CA SER E 94 28.25 -21.86 18.96
C SER E 94 28.83 -21.18 17.72
N ASP E 95 29.82 -20.32 17.89
CA ASP E 95 30.38 -19.67 16.71
C ASP E 95 31.09 -20.71 15.88
N PRO E 96 31.21 -20.47 14.57
CA PRO E 96 31.85 -21.33 13.57
C PRO E 96 33.31 -21.59 13.86
N LEU E 97 33.73 -22.83 13.65
CA LEU E 97 35.11 -23.23 13.88
C LEU E 97 35.59 -24.09 12.72
N ASP E 98 36.35 -23.48 11.81
CA ASP E 98 36.87 -24.18 10.65
C ASP E 98 38.08 -25.05 10.98
N ILE E 99 37.86 -26.35 11.18
CA ILE E 99 38.93 -27.29 11.49
C ILE E 99 39.62 -27.78 10.23
N VAL E 100 40.74 -27.16 9.92
CA VAL E 100 41.54 -27.47 8.74
C VAL E 100 42.57 -28.59 8.99
N ILE E 101 42.77 -29.44 7.99
CA ILE E 101 43.73 -30.52 8.09
C ILE E 101 44.90 -30.14 7.20
N THR E 102 46.11 -30.16 7.74
CA THR E 102 47.27 -29.79 6.94
C THR E 102 48.30 -30.89 6.81
N GLY E 103 49.27 -30.63 5.94
CA GLY E 103 50.33 -31.60 5.70
C GLY E 103 49.98 -32.60 4.62
N LEU E 104 49.09 -32.19 3.71
CA LEU E 104 48.65 -33.05 2.60
C LEU E 104 49.17 -32.63 1.24
N TYR E 105 50.06 -31.64 1.23
CA TYR E 105 50.65 -31.14 -0.01
C TYR E 105 52.08 -30.65 0.18
N GLU E 106 52.83 -30.61 -0.91
CA GLU E 106 54.22 -30.15 -0.93
C GLU E 106 54.38 -28.85 -0.14
N LYS E 107 55.50 -28.72 0.56
CA LYS E 107 55.81 -27.51 1.33
C LYS E 107 56.02 -26.32 0.39
N PRO E 108 55.44 -25.16 0.71
CA PRO E 108 55.73 -24.09 -0.24
C PRO E 108 56.99 -23.36 0.25
N SER E 109 57.47 -22.40 -0.52
CA SER E 109 58.64 -21.67 -0.08
C SER E 109 58.19 -20.30 0.36
N LEU E 110 58.69 -19.86 1.52
CA LEU E 110 58.34 -18.56 2.04
C LEU E 110 59.58 -17.68 1.99
N SER E 111 59.46 -16.48 1.42
CA SER E 111 60.57 -15.56 1.32
C SER E 111 60.16 -14.15 1.73
N ALA E 112 61.12 -13.32 2.11
CA ALA E 112 60.80 -11.97 2.52
C ALA E 112 61.62 -10.97 1.74
N GLN E 113 60.99 -10.30 0.79
CA GLN E 113 61.72 -9.30 0.03
C GLN E 113 61.39 -7.98 0.70
N PRO E 114 62.38 -7.08 0.83
CA PRO E 114 63.78 -7.16 0.39
C PRO E 114 64.59 -8.27 1.04
N GLY E 115 64.27 -8.58 2.30
CA GLY E 115 64.98 -9.63 3.01
C GLY E 115 64.43 -9.91 4.39
N PRO E 116 64.73 -11.08 4.97
CA PRO E 116 64.23 -11.43 6.31
C PRO E 116 64.59 -10.41 7.40
N THR E 117 65.67 -9.67 7.20
CA THR E 117 66.10 -8.68 8.16
C THR E 117 66.01 -7.31 7.55
N VAL E 118 65.33 -6.39 8.23
CA VAL E 118 65.17 -5.04 7.70
C VAL E 118 65.12 -3.97 8.77
N LEU E 119 65.44 -2.75 8.36
CA LEU E 119 65.44 -1.60 9.25
C LEU E 119 64.00 -1.17 9.51
N ALA E 120 63.72 -0.72 10.72
CA ALA E 120 62.38 -0.29 11.11
C ALA E 120 61.75 0.62 10.06
N GLY E 121 60.42 0.70 10.05
CA GLY E 121 59.71 1.55 9.10
C GLY E 121 59.65 1.01 7.67
N GLU E 122 60.78 0.48 7.21
CA GLU E 122 60.93 -0.09 5.87
C GLU E 122 59.79 -1.04 5.52
N SER E 123 59.42 -1.09 4.23
CA SER E 123 58.34 -1.97 3.78
C SER E 123 58.82 -3.40 3.50
N VAL E 124 58.12 -4.35 4.09
CA VAL E 124 58.41 -5.77 3.97
C VAL E 124 57.21 -6.47 3.35
N THR E 125 57.46 -7.50 2.58
CA THR E 125 56.38 -8.27 2.00
C THR E 125 56.86 -9.71 1.81
N LEU E 126 56.10 -10.65 2.36
CA LEU E 126 56.45 -12.05 2.27
C LEU E 126 55.82 -12.62 1.01
N SER E 127 56.31 -13.77 0.56
CA SER E 127 55.79 -14.39 -0.65
C SER E 127 55.97 -15.90 -0.64
N CYS E 128 54.93 -16.63 -1.07
CA CYS E 128 55.04 -18.08 -1.15
C CYS E 128 54.92 -18.48 -2.60
N SER E 129 55.87 -19.28 -3.04
CA SER E 129 55.90 -19.75 -4.39
C SER E 129 55.91 -21.26 -4.28
N SER E 130 55.53 -21.94 -5.36
CA SER E 130 55.52 -23.38 -5.39
C SER E 130 55.32 -23.95 -6.77
N ARG E 131 55.90 -25.11 -6.96
CA ARG E 131 55.81 -25.83 -8.21
C ARG E 131 54.34 -26.24 -8.35
N SER E 132 53.75 -26.69 -7.23
CA SER E 132 52.34 -27.09 -7.23
C SER E 132 51.55 -25.85 -7.61
N SER E 133 50.36 -26.04 -8.16
CA SER E 133 49.59 -24.86 -8.54
C SER E 133 48.44 -24.52 -7.59
N TYR E 134 48.76 -24.34 -6.31
CA TYR E 134 47.75 -23.98 -5.33
C TYR E 134 47.09 -22.72 -5.88
N ASP E 135 45.85 -22.50 -5.52
CA ASP E 135 45.12 -21.34 -6.01
C ASP E 135 45.19 -20.22 -5.00
N MET E 136 45.33 -20.58 -3.74
CA MET E 136 45.39 -19.59 -2.66
C MET E 136 46.47 -19.96 -1.67
N TYR E 137 46.98 -18.96 -0.99
CA TYR E 137 48.01 -19.16 0.01
C TYR E 137 47.57 -18.58 1.33
N HIS E 138 48.07 -19.16 2.42
CA HIS E 138 47.74 -18.71 3.77
C HIS E 138 49.00 -18.34 4.54
N LEU E 139 48.99 -17.14 5.12
CA LEU E 139 50.12 -16.63 5.88
C LEU E 139 49.79 -16.49 7.36
N SER E 140 50.48 -17.26 8.20
CA SER E 140 50.22 -17.19 9.63
C SER E 140 51.44 -16.66 10.36
N ARG E 141 51.20 -15.79 11.34
CA ARG E 141 52.31 -15.26 12.14
C ARG E 141 52.34 -15.91 13.52
N GLU E 142 53.41 -16.64 13.79
CA GLU E 142 53.56 -17.34 15.06
C GLU E 142 52.40 -18.28 15.27
N GLY E 143 51.75 -18.66 14.16
CA GLY E 143 50.62 -19.58 14.16
C GLY E 143 49.54 -19.37 15.20
N GLU E 144 49.74 -18.38 16.06
CA GLU E 144 48.82 -18.08 17.13
C GLU E 144 48.43 -16.61 17.05
N ALA E 145 48.48 -16.06 15.84
CA ALA E 145 48.14 -14.66 15.66
C ALA E 145 47.03 -14.44 14.62
N HIS E 146 47.12 -15.10 13.46
CA HIS E 146 46.11 -14.91 12.44
C HIS E 146 46.26 -15.83 11.24
N GLU E 147 45.46 -15.57 10.21
CA GLU E 147 45.48 -16.31 8.96
C GLU E 147 45.04 -15.43 7.82
N CYS E 148 46.02 -14.83 7.13
CA CYS E 148 45.74 -13.97 5.99
C CYS E 148 45.59 -14.90 4.80
N ARG E 149 45.04 -14.41 3.69
CA ARG E 149 44.87 -15.27 2.52
C ARG E 149 44.66 -14.53 1.19
N PHE E 150 45.66 -14.69 0.31
CA PHE E 150 45.65 -14.08 -1.01
C PHE E 150 45.52 -15.19 -2.06
N SER E 151 45.08 -14.82 -3.27
CA SER E 151 44.92 -15.78 -4.33
C SER E 151 46.24 -15.96 -5.07
N ALA E 152 46.43 -17.12 -5.69
CA ALA E 152 47.66 -17.39 -6.43
C ALA E 152 47.76 -16.50 -7.67
N GLY E 153 48.96 -15.96 -7.93
CA GLY E 153 49.20 -15.12 -9.10
C GLY E 153 49.66 -15.98 -10.27
N PRO E 154 49.09 -15.79 -11.48
CA PRO E 154 49.40 -16.54 -12.72
C PRO E 154 50.90 -16.86 -12.90
N LYS E 155 51.24 -17.65 -13.91
CA LYS E 155 52.65 -18.01 -14.12
C LYS E 155 53.55 -16.77 -14.16
N VAL E 156 54.55 -16.73 -13.28
CA VAL E 156 55.46 -15.58 -13.18
C VAL E 156 56.97 -15.87 -13.13
N ASN E 157 57.53 -16.31 -14.25
CA ASN E 157 58.95 -16.65 -14.33
C ASN E 157 59.21 -18.01 -13.70
N GLY E 158 58.28 -18.94 -13.90
CA GLY E 158 58.44 -20.29 -13.37
C GLY E 158 57.64 -20.78 -12.16
N THR E 159 56.84 -19.93 -11.50
CA THR E 159 56.10 -20.39 -10.31
C THR E 159 54.74 -19.76 -10.05
N PHE E 160 53.97 -20.41 -9.15
CA PHE E 160 52.67 -19.90 -8.74
C PHE E 160 52.87 -19.26 -7.38
N GLN E 161 52.90 -17.92 -7.41
CA GLN E 161 53.18 -17.11 -6.23
C GLN E 161 51.97 -16.51 -5.54
N ALA E 162 52.24 -15.61 -4.59
CA ALA E 162 51.22 -14.91 -3.81
C ALA E 162 52.01 -14.05 -2.85
N ASP E 163 51.93 -12.74 -3.03
CA ASP E 163 52.69 -11.82 -2.19
C ASP E 163 51.85 -11.12 -1.14
N PHE E 164 52.20 -11.28 0.14
CA PHE E 164 51.45 -10.61 1.20
C PHE E 164 52.13 -9.36 1.70
N PRO E 165 51.73 -8.21 1.21
CA PRO E 165 52.38 -7.00 1.70
C PRO E 165 52.18 -6.87 3.21
N LEU E 166 53.23 -6.47 3.92
CA LEU E 166 53.16 -6.32 5.37
C LEU E 166 53.27 -4.86 5.75
N GLY E 167 53.61 -4.01 4.78
CA GLY E 167 53.73 -2.59 5.03
C GLY E 167 54.87 -2.25 5.97
N PRO E 168 54.95 -1.00 6.43
CA PRO E 168 56.02 -0.59 7.34
C PRO E 168 56.26 -1.58 8.46
N ALA E 169 57.46 -2.16 8.44
CA ALA E 169 57.87 -3.13 9.42
C ALA E 169 58.08 -2.44 10.76
N THR E 170 57.52 -3.01 11.81
CA THR E 170 57.67 -2.45 13.14
C THR E 170 58.03 -3.54 14.16
N HIS E 171 57.42 -4.71 14.01
CA HIS E 171 57.70 -5.81 14.92
C HIS E 171 58.11 -7.00 14.10
N GLY E 172 59.08 -7.74 14.60
CA GLY E 172 59.55 -8.91 13.89
C GLY E 172 58.58 -10.04 14.07
N GLY E 173 58.91 -11.21 13.55
CA GLY E 173 58.02 -12.33 13.70
C GLY E 173 58.36 -13.49 12.81
N THR E 174 57.89 -14.65 13.23
CA THR E 174 58.06 -15.90 12.53
C THR E 174 56.80 -16.13 11.70
N TYR E 175 56.95 -16.37 10.40
CA TYR E 175 55.78 -16.59 9.57
C TYR E 175 55.86 -17.96 8.91
N ARG E 176 54.69 -18.49 8.55
CA ARG E 176 54.59 -19.79 7.90
C ARG E 176 53.52 -19.69 6.83
N CYS E 177 53.78 -20.33 5.70
CA CYS E 177 52.86 -20.29 4.58
C CYS E 177 52.14 -21.62 4.37
N PHE E 178 50.99 -21.56 3.73
CA PHE E 178 50.18 -22.73 3.44
C PHE E 178 49.45 -22.58 2.10
N GLY E 179 49.34 -23.67 1.35
CA GLY E 179 48.65 -23.61 0.07
C GLY E 179 47.44 -24.52 0.06
N SER E 180 46.46 -24.18 -0.78
CA SER E 180 45.25 -24.98 -0.89
C SER E 180 44.61 -24.79 -2.26
N PHE E 181 43.49 -25.48 -2.46
CA PHE E 181 42.74 -25.45 -3.70
C PHE E 181 41.30 -25.01 -3.49
N ARG E 182 40.77 -24.27 -4.46
CA ARG E 182 39.42 -23.74 -4.39
C ARG E 182 38.35 -24.68 -3.83
N ASP E 183 38.14 -25.79 -4.51
CA ASP E 183 37.14 -26.77 -4.10
C ASP E 183 37.18 -27.22 -2.64
N SER E 184 38.38 -27.47 -2.11
CA SER E 184 38.51 -27.91 -0.73
C SER E 184 39.32 -26.93 0.11
N PRO E 185 38.69 -25.81 0.47
CA PRO E 185 39.28 -24.73 1.27
C PRO E 185 39.73 -25.11 2.67
N TYR E 186 39.36 -26.30 3.14
CA TYR E 186 39.73 -26.75 4.49
C TYR E 186 40.91 -27.70 4.41
N GLU E 187 41.47 -27.84 3.21
CA GLU E 187 42.61 -28.73 3.00
C GLU E 187 43.84 -27.94 2.67
N TRP E 188 44.80 -27.96 3.59
CA TRP E 188 46.04 -27.21 3.44
C TRP E 188 47.28 -28.11 3.31
N SER E 189 48.29 -27.53 2.69
CA SER E 189 49.58 -28.18 2.45
C SER E 189 50.37 -28.31 3.73
N ASN E 190 51.66 -28.60 3.60
CA ASN E 190 52.54 -28.71 4.75
C ASN E 190 53.04 -27.30 5.00
N SER E 191 53.34 -26.97 6.26
CA SER E 191 53.81 -25.63 6.56
C SER E 191 55.12 -25.35 5.88
N SER E 192 55.28 -24.09 5.48
CA SER E 192 56.52 -23.67 4.85
C SER E 192 57.48 -23.53 6.03
N ASP E 193 58.75 -23.81 5.80
CA ASP E 193 59.71 -23.66 6.89
C ASP E 193 59.48 -22.29 7.51
N PRO E 194 59.44 -22.21 8.83
CA PRO E 194 59.22 -20.91 9.47
C PRO E 194 60.26 -19.89 9.03
N LEU E 195 59.81 -18.67 8.76
CA LEU E 195 60.71 -17.60 8.35
C LEU E 195 60.62 -16.53 9.41
N LEU E 196 61.79 -16.15 9.91
CA LEU E 196 61.85 -15.16 10.94
C LEU E 196 62.17 -13.81 10.35
N VAL E 197 61.29 -12.86 10.60
CA VAL E 197 61.45 -11.51 10.12
C VAL E 197 62.05 -10.71 11.27
N SER E 198 63.11 -9.96 11.00
CA SER E 198 63.74 -9.16 12.06
C SER E 198 63.84 -7.71 11.67
N VAL E 199 63.44 -6.83 12.58
CA VAL E 199 63.50 -5.41 12.33
C VAL E 199 64.59 -4.78 13.16
N ILE E 200 65.38 -3.94 12.52
CA ILE E 200 66.49 -3.24 13.15
C ILE E 200 65.99 -1.90 13.70
#